data_4WLF
#
_entry.id   4WLF
#
_cell.length_a   60.246
_cell.length_b   152.183
_cell.length_c   155.034
_cell.angle_alpha   90.00
_cell.angle_beta   90.00
_cell.angle_gamma   90.00
#
_symmetry.space_group_name_H-M   'P 21 21 21'
#
loop_
_entity.id
_entity.type
_entity.pdbx_description
1 polymer 'Malate dehydrogenase, mitochondrial'
2 non-polymer '(2S)-2-hydroxybutanedioic acid'
3 non-polymer 'PHOSPHATE ION'
4 water water
#
_entity_poly.entity_id   1
_entity_poly.type   'polypeptide(L)'
_entity_poly.pdbx_seq_one_letter_code
;MGSSHHHHHHSSGLVPRGSHMSAQNNAKVAVLGASGGIGQPLSLLLKNSPLVSRLTLYDIAHTPGVAADLSHIETKAAVK
GYLGPEQLPDCLKGCDVVVIPAGVPRKPGMTRDDLFNTNATIVATLTAACAQHCPEAMICVIANPVNSTIPITAEVFKKH
GVYNPNKIFGVTTLDIVRANTFVAELKGLDPARVNVPVIGGHAGKTIIPLISQCTPKVDFPQDQLTALTGRIQEAGTEVV
KAKAGAGSATLSMAYAGARFVFSLVDAMNGKEGVVECSFVKSQETECTYFSTPLLLGKKGIEKNLGIGKVSSFEEKMISD
AIPELKASIKKGEDFVKTLK
;
_entity_poly.pdbx_strand_id   A,B,C,D
#
# COMPACT_ATOMS: atom_id res chain seq x y z
N ASN A 26 23.82 -9.10 -26.40
CA ASN A 26 23.81 -7.63 -26.70
C ASN A 26 22.41 -7.06 -26.91
N ALA A 27 21.40 -7.63 -26.25
CA ALA A 27 20.01 -7.22 -26.47
C ALA A 27 19.65 -5.95 -25.70
N LYS A 28 18.86 -5.09 -26.33
CA LYS A 28 18.30 -3.91 -25.65
C LYS A 28 16.84 -4.20 -25.33
N VAL A 29 16.48 -4.16 -24.04
CA VAL A 29 15.13 -4.51 -23.59
C VAL A 29 14.47 -3.36 -22.84
N ALA A 30 13.22 -3.06 -23.22
CA ALA A 30 12.39 -2.07 -22.53
C ALA A 30 11.30 -2.79 -21.73
N VAL A 31 11.07 -2.30 -20.51
CA VAL A 31 10.00 -2.82 -19.66
C VAL A 31 9.01 -1.69 -19.39
N LEU A 32 7.80 -1.81 -19.94
CA LEU A 32 6.75 -0.79 -19.77
C LEU A 32 5.83 -1.20 -18.62
N GLY A 33 5.88 -0.44 -17.52
CA GLY A 33 5.24 -0.82 -16.26
C GLY A 33 6.25 -1.42 -15.31
N ALA A 34 7.46 -0.87 -15.31
CA ALA A 34 8.58 -1.45 -14.59
C ALA A 34 8.56 -1.23 -13.07
N SER A 35 7.71 -0.30 -12.59
CA SER A 35 7.62 -0.01 -11.15
C SER A 35 6.59 -0.87 -10.42
N GLY A 36 5.82 -1.66 -11.16
CA GLY A 36 4.75 -2.46 -10.58
C GLY A 36 5.23 -3.75 -9.95
N GLY A 37 4.29 -4.53 -9.43
CA GLY A 37 4.59 -5.82 -8.79
C GLY A 37 5.25 -6.84 -9.70
N ILE A 38 4.82 -6.90 -10.95
CA ILE A 38 5.47 -7.77 -11.94
C ILE A 38 6.74 -7.10 -12.44
N GLY A 39 6.64 -5.82 -12.78
CA GLY A 39 7.71 -5.09 -13.44
C GLY A 39 9.04 -5.06 -12.71
N GLN A 40 9.00 -4.90 -11.38
CA GLN A 40 10.24 -4.78 -10.62
C GLN A 40 11.05 -6.08 -10.59
N PRO A 41 10.44 -7.20 -10.16
CA PRO A 41 11.19 -8.45 -10.22
C PRO A 41 11.58 -8.89 -11.64
N LEU A 42 10.74 -8.55 -12.63
CA LEU A 42 11.08 -8.85 -14.01
C LEU A 42 12.35 -8.10 -14.43
N SER A 43 12.40 -6.81 -14.08
CA SER A 43 13.55 -5.95 -14.39
C SER A 43 14.83 -6.45 -13.71
N LEU A 44 14.68 -6.98 -12.50
CA LEU A 44 15.80 -7.59 -11.78
C LEU A 44 16.34 -8.80 -12.56
N LEU A 45 15.45 -9.70 -12.96
CA LEU A 45 15.89 -10.90 -13.70
C LEU A 45 16.59 -10.53 -15.01
N LEU A 46 16.06 -9.55 -15.71
CA LEU A 46 16.63 -9.09 -16.97
C LEU A 46 18.00 -8.44 -16.76
N LYS A 47 18.14 -7.67 -15.69
CA LYS A 47 19.42 -7.06 -15.31
C LYS A 47 20.48 -8.12 -14.97
N ASN A 48 20.05 -9.22 -14.35
CA ASN A 48 20.95 -10.29 -13.97
C ASN A 48 21.49 -11.11 -15.15
N SER A 49 20.92 -10.92 -16.33
CA SER A 49 21.23 -11.74 -17.50
C SER A 49 22.35 -11.17 -18.38
N PRO A 50 23.31 -12.02 -18.78
CA PRO A 50 24.38 -11.59 -19.69
C PRO A 50 23.91 -11.41 -21.13
N LEU A 51 22.67 -11.78 -21.43
CA LEU A 51 22.08 -11.57 -22.74
C LEU A 51 21.67 -10.12 -22.96
N VAL A 52 21.48 -9.37 -21.87
CA VAL A 52 21.00 -8.00 -21.95
C VAL A 52 22.16 -7.03 -21.76
N SER A 53 22.33 -6.12 -22.71
CA SER A 53 23.36 -5.06 -22.60
C SER A 53 22.73 -3.72 -22.24
N ARG A 54 21.42 -3.57 -22.47
CA ARG A 54 20.74 -2.32 -22.18
C ARG A 54 19.30 -2.58 -21.70
N LEU A 55 18.97 -2.00 -20.55
CA LEU A 55 17.67 -2.19 -19.92
C LEU A 55 17.01 -0.85 -19.61
N THR A 56 15.98 -0.51 -20.37
CA THR A 56 15.27 0.75 -20.17
C THR A 56 13.93 0.49 -19.49
N LEU A 57 13.65 1.27 -18.43
CA LEU A 57 12.49 1.04 -17.58
C LEU A 57 11.55 2.23 -17.66
N TYR A 58 10.27 1.96 -17.92
CA TYR A 58 9.27 3.02 -18.03
C TYR A 58 8.11 2.79 -17.07
N ASP A 59 7.68 3.86 -16.44
CA ASP A 59 6.41 3.88 -15.75
C ASP A 59 5.95 5.32 -15.53
N ILE A 60 4.79 5.49 -14.92
CA ILE A 60 4.28 6.82 -14.61
C ILE A 60 4.78 7.31 -13.24
N ALA A 61 5.41 6.42 -12.48
CA ALA A 61 5.95 6.74 -11.16
C ALA A 61 7.05 5.75 -10.74
N HIS A 62 7.99 6.24 -9.93
CA HIS A 62 9.00 5.42 -9.22
C HIS A 62 10.17 4.86 -10.06
N THR A 63 10.17 5.08 -11.38
CA THR A 63 11.19 4.49 -12.25
C THR A 63 12.63 4.92 -11.96
N PRO A 64 12.85 6.20 -11.61
CA PRO A 64 14.22 6.64 -11.30
C PRO A 64 14.81 5.92 -10.08
N GLY A 65 14.00 5.68 -9.07
CA GLY A 65 14.42 4.92 -7.89
C GLY A 65 14.68 3.45 -8.19
N VAL A 66 13.79 2.83 -8.96
CA VAL A 66 13.95 1.43 -9.36
C VAL A 66 15.23 1.25 -10.19
N ALA A 67 15.46 2.17 -11.13
CA ALA A 67 16.64 2.12 -11.98
C ALA A 67 17.94 2.38 -11.21
N ALA A 68 17.91 3.33 -10.27
CA ALA A 68 19.08 3.61 -9.42
C ALA A 68 19.44 2.38 -8.61
N ASP A 69 18.41 1.73 -8.06
CA ASP A 69 18.54 0.47 -7.32
C ASP A 69 19.21 -0.59 -8.18
N LEU A 70 18.64 -0.87 -9.36
CA LEU A 70 19.15 -1.92 -10.25
C LEU A 70 20.51 -1.61 -10.85
N SER A 71 20.82 -0.33 -11.04
CA SER A 71 22.09 0.08 -11.68
C SER A 71 23.32 -0.29 -10.86
N HIS A 72 23.13 -0.58 -9.57
CA HIS A 72 24.23 -0.98 -8.68
C HIS A 72 24.64 -2.45 -8.83
N ILE A 73 23.80 -3.27 -9.47
CA ILE A 73 24.10 -4.69 -9.65
C ILE A 73 25.27 -4.90 -10.61
N GLU A 74 26.14 -5.85 -10.26
CA GLU A 74 27.42 -6.08 -10.95
C GLU A 74 27.29 -6.86 -12.27
N THR A 75 26.37 -6.42 -13.13
CA THR A 75 26.25 -7.00 -14.48
C THR A 75 26.39 -5.88 -15.48
N LYS A 76 26.62 -6.25 -16.74
CA LYS A 76 27.00 -5.30 -17.77
C LYS A 76 25.85 -4.41 -18.24
N ALA A 77 24.61 -4.89 -18.11
CA ALA A 77 23.44 -4.16 -18.63
C ALA A 77 23.35 -2.72 -18.09
N ALA A 78 23.35 -1.76 -19.01
CA ALA A 78 23.12 -0.36 -18.65
C ALA A 78 21.65 -0.17 -18.35
N VAL A 79 21.35 0.41 -17.19
CA VAL A 79 19.97 0.60 -16.73
C VAL A 79 19.63 2.08 -16.70
N LYS A 80 18.46 2.41 -17.24
CA LYS A 80 17.95 3.78 -17.22
C LYS A 80 16.45 3.78 -16.95
N GLY A 81 16.00 4.70 -16.10
CA GLY A 81 14.60 4.85 -15.78
C GLY A 81 13.99 6.03 -16.51
N TYR A 82 12.78 5.86 -17.03
CA TYR A 82 12.08 6.92 -17.72
C TYR A 82 10.72 7.13 -17.07
N LEU A 83 10.26 8.38 -17.09
CA LEU A 83 9.09 8.79 -16.37
C LEU A 83 8.28 9.76 -17.22
N GLY A 84 7.00 9.46 -17.43
CA GLY A 84 6.09 10.36 -18.15
C GLY A 84 6.12 10.24 -19.67
N PRO A 85 5.11 10.82 -20.34
CA PRO A 85 4.90 10.66 -21.79
C PRO A 85 6.03 11.17 -22.67
N GLU A 86 6.63 12.30 -22.28
CA GLU A 86 7.74 12.90 -23.01
C GLU A 86 8.93 11.95 -23.13
N GLN A 87 9.13 11.09 -22.14
CA GLN A 87 10.29 10.21 -22.07
C GLN A 87 10.06 8.80 -22.62
N LEU A 88 8.80 8.45 -22.91
CA LEU A 88 8.48 7.12 -23.42
C LEU A 88 9.21 6.81 -24.75
N PRO A 89 9.21 7.75 -25.71
CA PRO A 89 9.96 7.53 -26.95
C PRO A 89 11.45 7.24 -26.75
N ASP A 90 12.08 7.94 -25.80
CA ASP A 90 13.50 7.74 -25.53
C ASP A 90 13.75 6.36 -24.92
N CYS A 91 12.77 5.88 -24.17
CA CYS A 91 12.84 4.56 -23.56
C CYS A 91 12.81 3.44 -24.61
N LEU A 92 12.03 3.64 -25.68
CA LEU A 92 11.79 2.60 -26.68
C LEU A 92 12.77 2.59 -27.85
N LYS A 93 13.37 3.74 -28.14
CA LYS A 93 14.23 3.89 -29.33
C LYS A 93 15.35 2.84 -29.34
N GLY A 94 15.43 2.06 -30.43
CA GLY A 94 16.48 1.07 -30.60
C GLY A 94 16.30 -0.25 -29.87
N CYS A 95 15.12 -0.47 -29.27
CA CYS A 95 14.85 -1.73 -28.55
C CYS A 95 14.74 -2.94 -29.48
N ASP A 96 15.30 -4.06 -29.02
CA ASP A 96 15.11 -5.36 -29.66
C ASP A 96 13.85 -6.03 -29.14
N VAL A 97 13.58 -5.84 -27.84
CA VAL A 97 12.43 -6.44 -27.18
C VAL A 97 11.78 -5.43 -26.23
N VAL A 98 10.45 -5.38 -26.26
CA VAL A 98 9.65 -4.61 -25.31
C VAL A 98 8.74 -5.61 -24.60
N VAL A 99 8.80 -5.61 -23.27
CA VAL A 99 7.90 -6.42 -22.44
C VAL A 99 6.93 -5.48 -21.74
N ILE A 100 5.64 -5.81 -21.75
CA ILE A 100 4.62 -4.93 -21.20
C ILE A 100 3.85 -5.62 -20.06
N PRO A 101 4.40 -5.59 -18.84
CA PRO A 101 3.67 -6.07 -17.67
C PRO A 101 2.69 -5.04 -17.11
N ALA A 102 2.70 -3.82 -17.65
CA ALA A 102 1.80 -2.76 -17.17
C ALA A 102 0.34 -3.24 -17.16
N GLY A 103 -0.42 -2.80 -16.16
CA GLY A 103 -1.82 -3.18 -16.04
C GLY A 103 -2.27 -3.34 -14.59
N VAL A 104 -3.58 -3.32 -14.39
CA VAL A 104 -4.18 -3.53 -13.08
C VAL A 104 -4.32 -5.03 -12.85
N PRO A 105 -4.02 -5.50 -11.62
CA PRO A 105 -4.17 -6.92 -11.27
C PRO A 105 -5.58 -7.27 -10.79
N ARG A 106 -5.89 -8.57 -10.81
CA ARG A 106 -7.19 -9.07 -10.35
C ARG A 106 -7.31 -9.08 -8.83
N LYS A 107 -8.54 -8.95 -8.35
CA LYS A 107 -8.91 -9.20 -6.95
C LYS A 107 -9.72 -10.50 -6.92
N PRO A 108 -9.81 -11.14 -5.75
CA PRO A 108 -10.65 -12.34 -5.61
C PRO A 108 -12.09 -12.09 -6.09
N GLY A 109 -12.63 -13.02 -6.86
CA GLY A 109 -13.95 -12.88 -7.45
C GLY A 109 -13.94 -12.37 -8.89
N MET A 110 -12.94 -11.58 -9.28
CA MET A 110 -12.87 -11.02 -10.63
C MET A 110 -12.41 -12.06 -11.65
N THR A 111 -12.86 -11.89 -12.89
CA THR A 111 -12.31 -12.61 -14.04
C THR A 111 -11.26 -11.69 -14.67
N ARG A 112 -10.44 -12.25 -15.56
CA ARG A 112 -9.45 -11.45 -16.28
C ARG A 112 -10.15 -10.47 -17.23
N ASP A 113 -11.32 -10.86 -17.74
CA ASP A 113 -12.15 -10.02 -18.59
C ASP A 113 -12.66 -8.78 -17.85
N ASP A 114 -12.88 -8.90 -16.54
CA ASP A 114 -13.28 -7.75 -15.72
C ASP A 114 -12.28 -6.61 -15.75
N LEU A 115 -11.02 -6.90 -16.09
CA LEU A 115 -9.97 -5.88 -16.16
C LEU A 115 -9.88 -5.20 -17.54
N PHE A 116 -10.67 -5.68 -18.50
CA PHE A 116 -10.53 -5.29 -19.89
C PHE A 116 -10.57 -3.77 -20.10
N ASN A 117 -11.57 -3.12 -19.54
CA ASN A 117 -11.79 -1.69 -19.81
C ASN A 117 -10.64 -0.78 -19.36
N THR A 118 -9.94 -1.15 -18.29
CA THR A 118 -8.78 -0.39 -17.84
C THR A 118 -7.51 -0.79 -18.62
N ASN A 119 -7.24 -2.09 -18.70
CA ASN A 119 -6.01 -2.58 -19.31
C ASN A 119 -5.96 -2.44 -20.83
N ALA A 120 -7.12 -2.43 -21.49
CA ALA A 120 -7.19 -2.22 -22.95
C ALA A 120 -6.66 -0.84 -23.32
N THR A 121 -7.03 0.18 -22.54
CA THR A 121 -6.56 1.54 -22.77
C THR A 121 -5.06 1.66 -22.52
N ILE A 122 -4.56 1.01 -21.46
CA ILE A 122 -3.13 0.98 -21.17
C ILE A 122 -2.35 0.32 -22.32
N VAL A 123 -2.82 -0.84 -22.77
CA VAL A 123 -2.14 -1.56 -23.85
C VAL A 123 -2.19 -0.77 -25.17
N ALA A 124 -3.34 -0.20 -25.50
CA ALA A 124 -3.51 0.62 -26.71
C ALA A 124 -2.48 1.75 -26.77
N THR A 125 -2.37 2.48 -25.66
CA THR A 125 -1.48 3.63 -25.58
C THR A 125 -0.01 3.24 -25.68
N LEU A 126 0.37 2.21 -24.93
CA LEU A 126 1.77 1.76 -24.89
C LEU A 126 2.20 1.11 -26.20
N THR A 127 1.32 0.32 -26.82
CA THR A 127 1.66 -0.35 -28.09
C THR A 127 1.67 0.63 -29.27
N ALA A 128 0.86 1.68 -29.19
CA ALA A 128 0.94 2.78 -30.17
C ALA A 128 2.32 3.43 -30.13
N ALA A 129 2.81 3.71 -28.92
CA ALA A 129 4.19 4.22 -28.76
C ALA A 129 5.24 3.27 -29.32
N CYS A 130 5.04 1.96 -29.15
CA CYS A 130 5.96 0.95 -29.71
C CYS A 130 5.95 0.96 -31.24
N ALA A 131 4.76 1.02 -31.82
CA ALA A 131 4.61 1.05 -33.28
C ALA A 131 5.32 2.27 -33.88
N GLN A 132 5.28 3.39 -33.18
CA GLN A 132 5.95 4.61 -33.66
C GLN A 132 7.47 4.57 -33.50
N HIS A 133 7.93 4.16 -32.32
CA HIS A 133 9.32 4.37 -31.94
C HIS A 133 10.22 3.14 -31.99
N CYS A 134 9.64 1.94 -31.95
CA CYS A 134 10.41 0.70 -32.16
C CYS A 134 9.57 -0.37 -32.87
N PRO A 135 9.12 -0.08 -34.12
CA PRO A 135 8.27 -1.01 -34.87
C PRO A 135 8.89 -2.36 -35.19
N GLU A 136 10.22 -2.44 -35.17
CA GLU A 136 10.92 -3.70 -35.47
C GLU A 136 11.18 -4.56 -34.24
N ALA A 137 10.85 -4.06 -33.06
CA ALA A 137 11.10 -4.80 -31.81
C ALA A 137 10.13 -5.96 -31.63
N MET A 138 10.52 -6.93 -30.81
CA MET A 138 9.60 -7.97 -30.37
C MET A 138 8.75 -7.35 -29.28
N ILE A 139 7.43 -7.47 -29.42
CA ILE A 139 6.46 -6.91 -28.48
C ILE A 139 5.87 -8.06 -27.67
N CYS A 140 6.15 -8.07 -26.36
CA CYS A 140 5.70 -9.15 -25.48
C CYS A 140 4.69 -8.59 -24.47
N VAL A 141 3.42 -8.92 -24.68
CA VAL A 141 2.36 -8.39 -23.84
C VAL A 141 2.02 -9.37 -22.71
N ILE A 142 2.18 -8.90 -21.48
CA ILE A 142 1.80 -9.67 -20.30
C ILE A 142 0.41 -9.23 -19.83
N ALA A 143 0.12 -7.93 -19.98
CA ALA A 143 -1.16 -7.34 -19.55
C ALA A 143 -2.40 -8.15 -19.93
N ASN A 144 -3.22 -8.47 -18.92
CA ASN A 144 -4.46 -9.21 -19.13
C ASN A 144 -5.68 -8.31 -19.39
N PRO A 145 -6.72 -8.85 -20.05
CA PRO A 145 -6.80 -10.21 -20.58
C PRO A 145 -6.07 -10.33 -21.92
N VAL A 146 -5.04 -11.18 -21.95
CA VAL A 146 -4.20 -11.39 -23.13
C VAL A 146 -5.03 -11.77 -24.34
N ASN A 147 -6.09 -12.56 -24.13
CA ASN A 147 -6.96 -12.98 -25.22
C ASN A 147 -7.57 -11.81 -26.01
N SER A 148 -7.69 -10.64 -25.37
CA SER A 148 -8.16 -9.43 -26.03
C SER A 148 -7.07 -8.37 -26.28
N THR A 149 -6.07 -8.28 -25.40
CA THR A 149 -5.03 -7.24 -25.52
C THR A 149 -4.04 -7.50 -26.65
N ILE A 150 -3.85 -8.76 -27.03
CA ILE A 150 -3.05 -9.05 -28.23
C ILE A 150 -3.76 -8.59 -29.51
N PRO A 151 -5.06 -8.93 -29.67
CA PRO A 151 -5.81 -8.34 -30.79
C PRO A 151 -5.74 -6.81 -30.82
N ILE A 152 -5.83 -6.16 -29.66
CA ILE A 152 -5.65 -4.69 -29.57
C ILE A 152 -4.28 -4.28 -30.11
N THR A 153 -3.22 -4.93 -29.63
CA THR A 153 -1.86 -4.61 -30.03
C THR A 153 -1.68 -4.74 -31.56
N ALA A 154 -2.21 -5.82 -32.12
CA ALA A 154 -2.11 -6.08 -33.56
C ALA A 154 -2.83 -5.01 -34.37
N GLU A 155 -4.05 -4.66 -33.98
CA GLU A 155 -4.82 -3.61 -34.66
C GLU A 155 -4.13 -2.25 -34.57
N VAL A 156 -3.55 -1.95 -33.41
CA VAL A 156 -2.80 -0.69 -33.24
C VAL A 156 -1.60 -0.64 -34.20
N PHE A 157 -0.88 -1.74 -34.31
CA PHE A 157 0.24 -1.82 -35.26
C PHE A 157 -0.21 -1.70 -36.74
N LYS A 158 -1.35 -2.30 -37.07
CA LYS A 158 -1.92 -2.16 -38.42
C LYS A 158 -2.22 -0.71 -38.75
N LYS A 159 -2.79 0.02 -37.78
CA LYS A 159 -3.14 1.43 -37.96
C LYS A 159 -1.92 2.27 -38.28
N HIS A 160 -0.77 1.90 -37.71
CA HIS A 160 0.48 2.61 -37.98
C HIS A 160 1.20 2.06 -39.21
N GLY A 161 0.62 1.06 -39.88
CA GLY A 161 1.17 0.51 -41.11
C GLY A 161 2.42 -0.34 -40.92
N VAL A 162 2.66 -0.81 -39.70
CA VAL A 162 3.89 -1.53 -39.37
C VAL A 162 3.61 -2.90 -38.74
N TYR A 163 2.53 -3.54 -39.13
CA TYR A 163 2.12 -4.80 -38.50
C TYR A 163 2.94 -5.98 -39.02
N ASN A 164 3.65 -6.64 -38.10
CA ASN A 164 4.38 -7.87 -38.37
C ASN A 164 3.97 -8.94 -37.35
N PRO A 165 3.06 -9.87 -37.74
CA PRO A 165 2.56 -10.88 -36.80
C PRO A 165 3.61 -11.86 -36.27
N ASN A 166 4.80 -11.90 -36.87
CA ASN A 166 5.89 -12.75 -36.36
C ASN A 166 6.62 -12.13 -35.16
N LYS A 167 6.24 -10.92 -34.75
CA LYS A 167 6.94 -10.22 -33.66
C LYS A 167 6.03 -9.75 -32.52
N ILE A 168 4.76 -10.15 -32.53
CA ILE A 168 3.81 -9.78 -31.48
C ILE A 168 3.38 -11.01 -30.69
N PHE A 169 3.70 -11.01 -29.40
CA PHE A 169 3.53 -12.18 -28.54
C PHE A 169 2.71 -11.90 -27.30
N GLY A 170 1.63 -12.66 -27.12
CA GLY A 170 0.93 -12.72 -25.85
C GLY A 170 1.61 -13.74 -24.96
N VAL A 171 2.21 -13.27 -23.87
CA VAL A 171 3.05 -14.13 -23.04
C VAL A 171 2.17 -15.07 -22.22
N THR A 172 2.13 -16.33 -22.65
CA THR A 172 1.36 -17.39 -22.00
C THR A 172 2.30 -18.32 -21.26
N THR A 173 3.58 -17.97 -21.17
CA THR A 173 4.62 -18.85 -20.66
C THR A 173 4.34 -19.37 -19.25
N LEU A 174 3.70 -18.55 -18.41
CA LEU A 174 3.41 -18.95 -17.04
C LEU A 174 2.54 -20.22 -16.95
N ASP A 175 1.63 -20.40 -17.90
CA ASP A 175 0.80 -21.60 -17.97
C ASP A 175 1.64 -22.86 -18.21
N ILE A 176 2.66 -22.74 -19.07
CA ILE A 176 3.56 -23.85 -19.37
C ILE A 176 4.41 -24.14 -18.14
N VAL A 177 4.90 -23.07 -17.51
CA VAL A 177 5.69 -23.19 -16.29
C VAL A 177 4.88 -23.89 -15.18
N ARG A 178 3.62 -23.51 -15.04
CA ARG A 178 2.73 -24.14 -14.07
C ARG A 178 2.51 -25.62 -14.39
N ALA A 179 2.23 -25.90 -15.67
CA ALA A 179 2.01 -27.26 -16.14
C ALA A 179 3.23 -28.15 -15.86
N ASN A 180 4.42 -27.63 -16.15
CA ASN A 180 5.67 -28.33 -15.85
C ASN A 180 5.78 -28.65 -14.36
N THR A 181 5.51 -27.64 -13.53
CA THR A 181 5.60 -27.79 -12.08
C THR A 181 4.61 -28.83 -11.56
N PHE A 182 3.35 -28.73 -11.95
CA PHE A 182 2.32 -29.62 -11.44
C PHE A 182 2.49 -31.06 -11.92
N VAL A 183 2.89 -31.24 -13.17
CA VAL A 183 3.21 -32.59 -13.69
C VAL A 183 4.36 -33.20 -12.90
N ALA A 184 5.42 -32.43 -12.70
CA ALA A 184 6.60 -32.87 -11.94
C ALA A 184 6.27 -33.27 -10.51
N GLU A 185 5.41 -32.48 -9.86
CA GLU A 185 5.01 -32.76 -8.48
C GLU A 185 4.26 -34.09 -8.38
N LEU A 186 3.33 -34.32 -9.31
CA LEU A 186 2.52 -35.53 -9.31
C LEU A 186 3.34 -36.79 -9.56
N LYS A 187 4.21 -36.74 -10.57
CA LYS A 187 5.04 -37.88 -10.96
C LYS A 187 6.34 -38.00 -10.17
N GLY A 188 6.70 -36.97 -9.41
CA GLY A 188 7.97 -36.96 -8.68
C GLY A 188 9.15 -36.83 -9.63
N LEU A 189 9.08 -35.82 -10.50
CA LEU A 189 10.14 -35.53 -11.47
C LEU A 189 10.82 -34.21 -11.16
N ASP A 190 11.95 -33.98 -11.82
CA ASP A 190 12.61 -32.69 -11.79
C ASP A 190 11.89 -31.77 -12.77
N PRO A 191 11.21 -30.72 -12.28
CA PRO A 191 10.42 -29.85 -13.17
C PRO A 191 11.24 -29.14 -14.24
N ALA A 192 12.55 -28.98 -14.00
CA ALA A 192 13.47 -28.46 -15.01
C ALA A 192 13.52 -29.36 -16.25
N ARG A 193 13.26 -30.65 -16.08
CA ARG A 193 13.26 -31.63 -17.17
C ARG A 193 11.91 -31.81 -17.86
N VAL A 194 10.87 -31.17 -17.34
CA VAL A 194 9.50 -31.34 -17.85
C VAL A 194 9.12 -30.21 -18.82
N ASN A 195 8.58 -30.60 -19.98
CA ASN A 195 8.03 -29.65 -20.94
C ASN A 195 6.62 -30.05 -21.38
N VAL A 196 5.63 -29.30 -20.91
CA VAL A 196 4.23 -29.50 -21.30
C VAL A 196 3.77 -28.37 -22.25
N PRO A 197 3.44 -28.71 -23.50
CA PRO A 197 2.80 -27.73 -24.38
C PRO A 197 1.40 -27.35 -23.87
N VAL A 198 1.12 -26.05 -23.89
CA VAL A 198 -0.19 -25.53 -23.51
C VAL A 198 -0.64 -24.61 -24.63
N ILE A 199 -1.85 -24.85 -25.13
CA ILE A 199 -2.36 -24.14 -26.30
C ILE A 199 -3.69 -23.46 -25.97
N GLY A 200 -4.23 -22.74 -26.95
CA GLY A 200 -5.49 -22.02 -26.80
C GLY A 200 -5.23 -20.56 -26.47
N GLY A 201 -5.58 -20.16 -25.25
CA GLY A 201 -5.37 -18.78 -24.80
C GLY A 201 -5.07 -18.75 -23.32
N HIS A 202 -5.17 -17.55 -22.72
CA HIS A 202 -4.89 -17.39 -21.31
C HIS A 202 -6.10 -16.84 -20.53
N ALA A 203 -7.09 -17.71 -20.35
CA ALA A 203 -8.24 -17.43 -19.49
C ALA A 203 -8.95 -18.75 -19.23
N GLY A 204 -9.26 -19.01 -17.96
CA GLY A 204 -9.86 -20.27 -17.50
C GLY A 204 -10.04 -21.38 -18.53
N LYS A 205 -11.10 -21.26 -19.33
CA LYS A 205 -11.50 -22.32 -20.26
C LYS A 205 -10.57 -22.45 -21.47
N THR A 206 -9.95 -21.35 -21.87
CA THR A 206 -9.12 -21.35 -23.07
C THR A 206 -7.72 -21.94 -22.87
N ILE A 207 -7.36 -22.23 -21.63
CA ILE A 207 -6.06 -22.83 -21.32
C ILE A 207 -6.16 -24.35 -21.52
N ILE A 208 -5.40 -24.87 -22.48
CA ILE A 208 -5.49 -26.29 -22.85
C ILE A 208 -4.12 -26.95 -22.73
N PRO A 209 -3.87 -27.62 -21.58
CA PRO A 209 -2.62 -28.34 -21.41
C PRO A 209 -2.63 -29.63 -22.23
N LEU A 210 -1.66 -29.77 -23.12
CA LEU A 210 -1.53 -30.98 -23.92
C LEU A 210 -0.64 -31.95 -23.18
N ILE A 211 -1.24 -32.64 -22.20
CA ILE A 211 -0.50 -33.59 -21.37
C ILE A 211 -0.01 -34.78 -22.22
N SER A 212 -0.79 -35.14 -23.24
CA SER A 212 -0.43 -36.21 -24.17
C SER A 212 0.88 -35.92 -24.92
N GLN A 213 1.21 -34.63 -25.07
CA GLN A 213 2.42 -34.22 -25.78
C GLN A 213 3.55 -33.81 -24.83
N CYS A 214 3.44 -34.19 -23.56
CA CYS A 214 4.46 -33.84 -22.56
C CYS A 214 5.75 -34.61 -22.81
N THR A 215 6.89 -33.98 -22.54
CA THR A 215 8.17 -34.68 -22.50
C THR A 215 8.81 -34.45 -21.13
N PRO A 216 9.21 -35.53 -20.43
CA PRO A 216 9.09 -36.93 -20.84
C PRO A 216 7.63 -37.35 -20.86
N LYS A 217 7.31 -38.37 -21.66
CA LYS A 217 5.93 -38.83 -21.76
C LYS A 217 5.45 -39.36 -20.41
N VAL A 218 4.28 -38.90 -20.01
CA VAL A 218 3.69 -39.27 -18.72
C VAL A 218 2.32 -39.85 -18.95
N ASP A 219 1.98 -40.84 -18.13
CA ASP A 219 0.66 -41.44 -18.15
C ASP A 219 0.05 -41.21 -16.78
N PHE A 220 -1.13 -40.60 -16.75
CA PHE A 220 -1.84 -40.36 -15.51
C PHE A 220 -3.15 -41.14 -15.54
N PRO A 221 -3.55 -41.73 -14.40
CA PRO A 221 -4.92 -42.21 -14.34
C PRO A 221 -5.87 -41.04 -14.52
N GLN A 222 -7.08 -41.31 -15.02
CA GLN A 222 -7.99 -40.26 -15.46
C GLN A 222 -8.32 -39.24 -14.39
N ASP A 223 -8.58 -39.69 -13.16
CA ASP A 223 -8.98 -38.77 -12.08
C ASP A 223 -7.85 -37.80 -11.71
N GLN A 224 -6.61 -38.26 -11.75
CA GLN A 224 -5.46 -37.37 -11.59
C GLN A 224 -5.31 -36.42 -12.79
N LEU A 225 -5.53 -36.94 -14.00
CA LEU A 225 -5.43 -36.13 -15.22
C LEU A 225 -6.43 -34.98 -15.23
N THR A 226 -7.66 -35.25 -14.76
CA THR A 226 -8.71 -34.25 -14.70
C THR A 226 -8.40 -33.18 -13.66
N ALA A 227 -7.93 -33.61 -12.49
CA ALA A 227 -7.55 -32.67 -11.43
C ALA A 227 -6.34 -31.82 -11.82
N LEU A 228 -5.39 -32.44 -12.51
CA LEU A 228 -4.19 -31.75 -13.01
C LEU A 228 -4.55 -30.68 -14.03
N THR A 229 -5.38 -31.06 -15.00
CA THR A 229 -5.81 -30.15 -16.05
C THR A 229 -6.56 -28.96 -15.47
N GLY A 230 -7.49 -29.23 -14.56
CA GLY A 230 -8.22 -28.19 -13.83
C GLY A 230 -7.31 -27.27 -13.02
N ARG A 231 -6.35 -27.86 -12.32
CA ARG A 231 -5.38 -27.11 -11.53
C ARG A 231 -4.61 -26.12 -12.40
N ILE A 232 -4.16 -26.56 -13.57
CA ILE A 232 -3.45 -25.68 -14.50
C ILE A 232 -4.35 -24.54 -14.95
N GLN A 233 -5.59 -24.86 -15.30
CA GLN A 233 -6.55 -23.86 -15.78
C GLN A 233 -6.90 -22.80 -14.74
N GLU A 234 -6.99 -23.19 -13.47
CA GLU A 234 -7.39 -22.27 -12.40
C GLU A 234 -6.23 -21.77 -11.54
N ALA A 235 -5.00 -22.02 -11.99
CA ALA A 235 -3.81 -21.69 -11.20
C ALA A 235 -3.71 -20.20 -10.88
N GLY A 236 -4.04 -19.35 -11.85
CA GLY A 236 -4.05 -17.90 -11.65
C GLY A 236 -5.03 -17.47 -10.58
N THR A 237 -6.22 -18.08 -10.60
CA THR A 237 -7.24 -17.80 -9.61
C THR A 237 -6.81 -18.32 -8.23
N GLU A 238 -6.16 -19.49 -8.21
CA GLU A 238 -5.60 -20.02 -6.97
C GLU A 238 -4.67 -19.02 -6.27
N VAL A 239 -3.81 -18.34 -7.03
CA VAL A 239 -2.87 -17.37 -6.44
C VAL A 239 -3.59 -16.09 -6.01
N VAL A 240 -4.56 -15.64 -6.81
CA VAL A 240 -5.39 -14.48 -6.43
C VAL A 240 -6.09 -14.76 -5.10
N LYS A 241 -6.70 -15.93 -4.97
CA LYS A 241 -7.33 -16.33 -3.71
C LYS A 241 -6.32 -16.32 -2.55
N ALA A 242 -5.16 -16.93 -2.76
CA ALA A 242 -4.12 -17.00 -1.74
C ALA A 242 -3.61 -15.62 -1.31
N LYS A 243 -3.56 -14.68 -2.25
CA LYS A 243 -3.14 -13.31 -1.95
C LYS A 243 -4.23 -12.46 -1.30
N ALA A 244 -5.48 -12.92 -1.40
CA ALA A 244 -6.60 -12.40 -0.61
C ALA A 244 -6.80 -10.89 -0.72
N GLY A 245 -6.69 -10.37 -1.94
CA GLY A 245 -6.92 -8.96 -2.21
C GLY A 245 -5.65 -8.19 -2.51
N ALA A 246 -4.50 -8.81 -2.26
CA ALA A 246 -3.21 -8.15 -2.52
C ALA A 246 -2.67 -8.48 -3.92
N GLY A 247 -3.54 -8.58 -4.90
CA GLY A 247 -3.13 -8.70 -6.31
C GLY A 247 -3.06 -10.13 -6.81
N SER A 248 -2.40 -10.30 -7.95
CA SER A 248 -2.27 -11.60 -8.59
C SER A 248 -0.79 -12.01 -8.61
N ALA A 249 -0.47 -13.12 -9.27
CA ALA A 249 0.91 -13.59 -9.37
C ALA A 249 1.84 -12.48 -9.88
N THR A 250 2.97 -12.32 -9.23
CA THR A 250 3.96 -11.31 -9.62
C THR A 250 5.33 -11.95 -9.85
N LEU A 251 5.79 -12.74 -8.89
CA LEU A 251 7.14 -13.30 -8.90
C LEU A 251 7.26 -14.42 -9.93
N SER A 252 6.26 -15.29 -9.99
CA SER A 252 6.22 -16.34 -11.01
C SER A 252 5.97 -15.77 -12.41
N MET A 253 5.24 -14.66 -12.50
CA MET A 253 5.02 -13.99 -13.78
C MET A 253 6.31 -13.31 -14.23
N ALA A 254 7.06 -12.77 -13.27
CA ALA A 254 8.39 -12.24 -13.55
C ALA A 254 9.30 -13.33 -14.10
N TYR A 255 9.32 -14.48 -13.42
CA TYR A 255 10.07 -15.66 -13.92
C TYR A 255 9.66 -16.03 -15.35
N ALA A 256 8.35 -16.16 -15.59
CA ALA A 256 7.85 -16.58 -16.89
C ALA A 256 8.16 -15.56 -17.99
N GLY A 257 7.98 -14.28 -17.68
CA GLY A 257 8.26 -13.20 -18.62
C GLY A 257 9.72 -13.16 -19.01
N ALA A 258 10.58 -13.27 -18.01
CA ALA A 258 12.02 -13.29 -18.22
C ALA A 258 12.41 -14.47 -19.09
N ARG A 259 11.87 -15.65 -18.75
CA ARG A 259 12.15 -16.85 -19.54
C ARG A 259 11.82 -16.64 -21.02
N PHE A 260 10.66 -16.03 -21.29
CA PHE A 260 10.23 -15.83 -22.67
C PHE A 260 11.12 -14.84 -23.40
N VAL A 261 11.55 -13.78 -22.70
CA VAL A 261 12.48 -12.82 -23.28
C VAL A 261 13.83 -13.48 -23.58
N PHE A 262 14.31 -14.32 -22.66
CA PHE A 262 15.59 -15.00 -22.87
C PHE A 262 15.53 -15.94 -24.08
N SER A 263 14.45 -16.71 -24.19
CA SER A 263 14.25 -17.58 -25.35
C SER A 263 14.30 -16.77 -26.65
N LEU A 264 13.63 -15.62 -26.64
CA LEU A 264 13.55 -14.76 -27.81
C LEU A 264 14.92 -14.19 -28.16
N VAL A 265 15.68 -13.79 -27.15
CA VAL A 265 17.02 -13.25 -27.34
C VAL A 265 18.00 -14.35 -27.81
N ASP A 266 17.91 -15.54 -27.21
CA ASP A 266 18.69 -16.69 -27.69
C ASP A 266 18.45 -16.95 -29.18
N ALA A 267 17.19 -16.94 -29.59
CA ALA A 267 16.81 -17.14 -30.99
C ALA A 267 17.37 -16.04 -31.90
N MET A 268 17.25 -14.79 -31.46
CA MET A 268 17.79 -13.66 -32.21
C MET A 268 19.31 -13.74 -32.37
N ASN A 269 19.98 -14.34 -31.38
CA ASN A 269 21.43 -14.58 -31.45
C ASN A 269 21.77 -15.84 -32.27
N GLY A 270 20.78 -16.44 -32.93
CA GLY A 270 21.01 -17.57 -33.83
C GLY A 270 20.92 -18.96 -33.22
N LYS A 271 20.57 -19.07 -31.94
CA LYS A 271 20.40 -20.39 -31.33
C LYS A 271 19.27 -21.14 -32.00
N GLU A 272 19.51 -22.43 -32.28
CA GLU A 272 18.56 -23.27 -33.00
C GLU A 272 17.73 -24.10 -32.02
N GLY A 273 16.56 -24.54 -32.48
CA GLY A 273 15.70 -25.42 -31.69
C GLY A 273 14.98 -24.74 -30.52
N VAL A 274 14.93 -23.41 -30.51
CA VAL A 274 14.25 -22.67 -29.45
C VAL A 274 12.75 -22.66 -29.73
N VAL A 275 12.00 -23.34 -28.86
CA VAL A 275 10.55 -23.45 -28.98
C VAL A 275 9.87 -22.91 -27.72
N GLU A 276 8.89 -22.04 -27.92
CA GLU A 276 8.02 -21.54 -26.85
C GLU A 276 6.59 -21.44 -27.35
N CYS A 277 5.63 -21.79 -26.50
CA CYS A 277 4.23 -21.50 -26.79
C CYS A 277 3.98 -20.02 -26.55
N SER A 278 3.14 -19.40 -27.39
CA SER A 278 2.74 -18.00 -27.20
C SER A 278 1.44 -17.71 -27.96
N PHE A 279 0.63 -16.79 -27.43
CA PHE A 279 -0.62 -16.38 -28.05
C PHE A 279 -0.34 -15.36 -29.15
N VAL A 280 -0.50 -15.79 -30.41
CA VAL A 280 -0.11 -15.00 -31.58
C VAL A 280 -1.17 -15.09 -32.69
N LYS A 281 -1.00 -14.27 -33.73
CA LYS A 281 -1.78 -14.38 -34.96
C LYS A 281 -1.64 -15.79 -35.52
N SER A 282 -2.76 -16.47 -35.76
CA SER A 282 -2.73 -17.90 -36.08
C SER A 282 -3.70 -18.34 -37.17
N GLN A 283 -3.41 -19.52 -37.73
CA GLN A 283 -4.24 -20.16 -38.76
C GLN A 283 -4.77 -21.53 -38.33
N GLU A 284 -4.46 -21.96 -37.11
CA GLU A 284 -4.73 -23.33 -36.67
C GLU A 284 -6.21 -23.66 -36.54
N THR A 285 -7.01 -22.67 -36.15
CA THR A 285 -8.45 -22.84 -35.98
C THR A 285 -9.17 -21.66 -36.61
N GLU A 286 -10.49 -21.59 -36.45
CA GLU A 286 -11.26 -20.44 -36.94
C GLU A 286 -10.98 -19.16 -36.12
N CYS A 287 -10.25 -19.29 -35.01
CA CYS A 287 -9.77 -18.13 -34.27
C CYS A 287 -8.57 -17.51 -34.97
N THR A 288 -8.62 -16.19 -35.16
CA THR A 288 -7.56 -15.45 -35.81
C THR A 288 -6.32 -15.29 -34.91
N TYR A 289 -6.51 -15.48 -33.60
CA TYR A 289 -5.41 -15.53 -32.64
C TYR A 289 -5.51 -16.80 -31.79
N PHE A 290 -4.35 -17.39 -31.50
CA PHE A 290 -4.30 -18.70 -30.86
C PHE A 290 -2.88 -18.97 -30.37
N SER A 291 -2.76 -19.71 -29.29
CA SER A 291 -1.46 -20.08 -28.75
C SER A 291 -1.08 -21.51 -29.17
N THR A 292 0.12 -21.65 -29.75
CA THR A 292 0.69 -22.96 -30.05
C THR A 292 2.21 -22.89 -29.88
N PRO A 293 2.88 -24.06 -29.87
CA PRO A 293 4.35 -24.03 -29.85
C PRO A 293 4.91 -23.36 -31.10
N LEU A 294 5.87 -22.46 -30.90
CA LEU A 294 6.46 -21.69 -31.99
C LEU A 294 7.96 -21.91 -31.99
N LEU A 295 8.49 -22.31 -33.14
CA LEU A 295 9.94 -22.29 -33.34
C LEU A 295 10.32 -20.83 -33.50
N LEU A 296 11.25 -20.36 -32.67
CA LEU A 296 11.67 -18.97 -32.69
C LEU A 296 12.97 -18.83 -33.48
N GLY A 297 13.15 -17.67 -34.10
CA GLY A 297 14.32 -17.42 -34.92
C GLY A 297 14.71 -15.96 -34.92
N LYS A 298 15.56 -15.59 -35.87
CA LYS A 298 16.15 -14.25 -35.90
C LYS A 298 15.12 -13.13 -36.11
N LYS A 299 14.02 -13.44 -36.79
CA LYS A 299 12.94 -12.48 -37.01
C LYS A 299 11.70 -12.79 -36.16
N GLY A 300 11.90 -13.44 -35.02
CA GLY A 300 10.80 -13.78 -34.11
C GLY A 300 10.27 -15.16 -34.40
N ILE A 301 9.03 -15.25 -34.87
CA ILE A 301 8.46 -16.55 -35.20
C ILE A 301 9.11 -17.06 -36.48
N GLU A 302 9.90 -18.12 -36.35
CA GLU A 302 10.47 -18.80 -37.50
C GLU A 302 9.40 -19.70 -38.13
N LYS A 303 8.71 -20.46 -37.28
CA LYS A 303 7.68 -21.40 -37.74
C LYS A 303 6.67 -21.71 -36.64
N ASN A 304 5.39 -21.60 -36.96
CA ASN A 304 4.33 -22.07 -36.07
C ASN A 304 4.23 -23.58 -36.22
N LEU A 305 4.55 -24.30 -35.14
CA LEU A 305 4.54 -25.77 -35.16
C LEU A 305 3.14 -26.37 -35.06
N GLY A 306 2.14 -25.55 -34.79
CA GLY A 306 0.74 -25.99 -34.79
C GLY A 306 0.36 -26.85 -33.60
N ILE A 307 -0.83 -27.44 -33.67
CA ILE A 307 -1.38 -28.22 -32.56
C ILE A 307 -0.83 -29.64 -32.55
N GLY A 308 -0.73 -30.25 -33.73
CA GLY A 308 -0.25 -31.63 -33.85
C GLY A 308 -1.28 -32.64 -33.37
N LYS A 309 -0.83 -33.86 -33.11
CA LYS A 309 -1.71 -34.95 -32.69
C LYS A 309 -2.05 -34.82 -31.21
N VAL A 310 -3.35 -34.83 -30.90
CA VAL A 310 -3.83 -34.67 -29.52
C VAL A 310 -4.85 -35.75 -29.18
N SER A 311 -5.11 -35.91 -27.88
CA SER A 311 -6.10 -36.87 -27.41
C SER A 311 -7.51 -36.37 -27.72
N SER A 312 -8.49 -37.27 -27.63
CA SER A 312 -9.90 -36.92 -27.80
C SER A 312 -10.32 -35.89 -26.75
N PHE A 313 -9.88 -36.10 -25.51
CA PHE A 313 -10.17 -35.19 -24.40
C PHE A 313 -9.61 -33.79 -24.70
N GLU A 314 -8.39 -33.74 -25.22
CA GLU A 314 -7.76 -32.47 -25.59
C GLU A 314 -8.49 -31.80 -26.77
N GLU A 315 -8.90 -32.60 -27.75
CA GLU A 315 -9.68 -32.11 -28.89
C GLU A 315 -11.01 -31.48 -28.45
N LYS A 316 -11.67 -32.10 -27.48
CA LYS A 316 -12.90 -31.56 -26.91
C LYS A 316 -12.65 -30.21 -26.22
N MET A 317 -11.52 -30.09 -25.53
CA MET A 317 -11.16 -28.84 -24.86
C MET A 317 -10.89 -27.72 -25.87
N ILE A 318 -10.29 -28.06 -27.02
CA ILE A 318 -10.07 -27.08 -28.08
C ILE A 318 -11.40 -26.56 -28.61
N SER A 319 -12.33 -27.49 -28.86
CA SER A 319 -13.68 -27.14 -29.33
C SER A 319 -14.42 -26.19 -28.37
N ASP A 320 -14.30 -26.46 -27.08
CA ASP A 320 -14.92 -25.62 -26.05
C ASP A 320 -14.29 -24.23 -25.95
N ALA A 321 -12.98 -24.15 -26.20
CA ALA A 321 -12.24 -22.89 -26.08
C ALA A 321 -12.58 -21.89 -27.18
N ILE A 322 -12.84 -22.39 -28.39
CA ILE A 322 -13.00 -21.56 -29.58
C ILE A 322 -14.04 -20.42 -29.43
N PRO A 323 -15.27 -20.74 -29.00
CA PRO A 323 -16.27 -19.67 -28.84
C PRO A 323 -15.83 -18.54 -27.90
N GLU A 324 -15.20 -18.87 -26.78
CA GLU A 324 -14.71 -17.84 -25.85
C GLU A 324 -13.55 -17.03 -26.45
N LEU A 325 -12.64 -17.71 -27.13
CA LEU A 325 -11.51 -17.04 -27.79
C LEU A 325 -12.02 -16.02 -28.81
N LYS A 326 -12.93 -16.46 -29.68
CA LYS A 326 -13.53 -15.59 -30.69
C LYS A 326 -14.20 -14.37 -30.06
N ALA A 327 -14.94 -14.58 -28.97
CA ALA A 327 -15.60 -13.49 -28.26
C ALA A 327 -14.60 -12.48 -27.68
N SER A 328 -13.52 -13.00 -27.09
CA SER A 328 -12.46 -12.16 -26.54
C SER A 328 -11.72 -11.39 -27.64
N ILE A 329 -11.45 -12.08 -28.75
CA ILE A 329 -10.81 -11.45 -29.91
C ILE A 329 -11.64 -10.32 -30.50
N LYS A 330 -12.93 -10.56 -30.72
CA LYS A 330 -13.82 -9.55 -31.29
C LYS A 330 -13.93 -8.32 -30.38
N LYS A 331 -14.00 -8.56 -29.08
CA LYS A 331 -14.07 -7.49 -28.09
C LYS A 331 -12.87 -6.55 -28.20
N GLY A 332 -11.69 -7.13 -28.35
CA GLY A 332 -10.47 -6.35 -28.51
C GLY A 332 -10.48 -5.56 -29.81
N GLU A 333 -10.85 -6.21 -30.90
CA GLU A 333 -10.98 -5.55 -32.20
C GLU A 333 -11.99 -4.40 -32.14
N ASP A 334 -13.15 -4.66 -31.54
CA ASP A 334 -14.20 -3.65 -31.42
C ASP A 334 -13.78 -2.44 -30.60
N PHE A 335 -13.00 -2.68 -29.54
CA PHE A 335 -12.48 -1.59 -28.70
C PHE A 335 -11.62 -0.62 -29.50
N VAL A 336 -10.80 -1.15 -30.40
CA VAL A 336 -9.93 -0.32 -31.22
C VAL A 336 -10.75 0.57 -32.16
N LYS A 337 -11.88 0.05 -32.62
CA LYS A 337 -12.76 0.79 -33.52
C LYS A 337 -13.54 1.91 -32.82
N THR A 338 -13.57 1.92 -31.49
CA THR A 338 -14.16 3.02 -30.74
C THR A 338 -13.15 4.15 -30.44
N LEU A 339 -11.87 3.94 -30.76
CA LEU A 339 -10.82 4.92 -30.42
C LEU A 339 -10.86 6.17 -31.28
N ASN B 26 20.53 -31.25 -0.71
CA ASN B 26 20.54 -29.77 -0.98
C ASN B 26 19.98 -28.98 0.21
N ALA B 27 20.18 -27.66 0.17
CA ALA B 27 19.93 -26.82 1.34
C ALA B 27 18.46 -26.48 1.58
N LYS B 28 18.09 -26.41 2.86
CA LYS B 28 16.83 -25.80 3.27
C LYS B 28 17.14 -24.38 3.75
N VAL B 29 16.49 -23.40 3.13
CA VAL B 29 16.72 -21.99 3.43
C VAL B 29 15.44 -21.30 3.91
N ALA B 30 15.52 -20.60 5.04
CA ALA B 30 14.39 -19.86 5.58
C ALA B 30 14.61 -18.38 5.31
N VAL B 31 13.56 -17.70 4.85
CA VAL B 31 13.60 -16.26 4.64
C VAL B 31 12.64 -15.60 5.64
N LEU B 32 13.20 -14.91 6.63
CA LEU B 32 12.41 -14.23 7.65
C LEU B 32 12.16 -12.79 7.22
N GLY B 33 10.90 -12.48 6.95
CA GLY B 33 10.52 -11.21 6.31
C GLY B 33 10.41 -11.36 4.80
N ALA B 34 9.86 -12.49 4.36
CA ALA B 34 9.78 -12.82 2.94
C ALA B 34 8.80 -11.95 2.14
N SER B 35 7.84 -11.30 2.80
CA SER B 35 6.82 -10.50 2.12
C SER B 35 7.22 -9.03 1.88
N GLY B 36 8.34 -8.60 2.45
CA GLY B 36 8.81 -7.23 2.29
C GLY B 36 9.45 -6.96 0.94
N GLY B 37 9.85 -5.71 0.73
CA GLY B 37 10.46 -5.28 -0.51
C GLY B 37 11.72 -6.05 -0.88
N ILE B 38 12.56 -6.34 0.10
CA ILE B 38 13.75 -7.15 -0.12
C ILE B 38 13.37 -8.62 -0.20
N GLY B 39 12.49 -9.05 0.70
CA GLY B 39 12.19 -10.45 0.90
C GLY B 39 11.57 -11.16 -0.30
N GLN B 40 10.68 -10.47 -0.99
CA GLN B 40 9.98 -11.07 -2.13
C GLN B 40 10.91 -11.40 -3.30
N PRO B 41 11.68 -10.41 -3.81
CA PRO B 41 12.64 -10.70 -4.87
C PRO B 41 13.84 -11.58 -4.43
N LEU B 42 14.24 -11.49 -3.16
CA LEU B 42 15.24 -12.42 -2.62
C LEU B 42 14.70 -13.85 -2.65
N SER B 43 13.45 -14.04 -2.26
CA SER B 43 12.82 -15.35 -2.29
C SER B 43 12.69 -15.90 -3.73
N LEU B 44 12.45 -15.01 -4.69
CA LEU B 44 12.43 -15.37 -6.11
C LEU B 44 13.79 -15.90 -6.58
N LEU B 45 14.86 -15.19 -6.24
CA LEU B 45 16.21 -15.62 -6.63
C LEU B 45 16.60 -16.94 -6.00
N LEU B 46 16.23 -17.15 -4.74
CA LEU B 46 16.50 -18.42 -4.05
C LEU B 46 15.72 -19.59 -4.66
N LYS B 47 14.45 -19.34 -4.99
CA LYS B 47 13.60 -20.33 -5.67
C LYS B 47 14.16 -20.74 -7.05
N ASN B 48 14.80 -19.80 -7.74
CA ASN B 48 15.35 -20.08 -9.07
C ASN B 48 16.62 -20.94 -9.06
N SER B 49 17.23 -21.11 -7.90
CA SER B 49 18.54 -21.76 -7.76
C SER B 49 18.46 -23.28 -7.60
N PRO B 50 19.31 -24.02 -8.33
CA PRO B 50 19.40 -25.46 -8.12
C PRO B 50 20.12 -25.86 -6.82
N LEU B 51 20.70 -24.87 -6.13
CA LEU B 51 21.33 -25.09 -4.83
C LEU B 51 20.33 -25.22 -3.67
N VAL B 52 19.09 -24.80 -3.89
CA VAL B 52 18.04 -24.86 -2.86
C VAL B 52 17.01 -25.94 -3.21
N SER B 53 16.76 -26.85 -2.27
CA SER B 53 15.69 -27.85 -2.45
C SER B 53 14.47 -27.57 -1.58
N ARG B 54 14.62 -26.73 -0.57
CA ARG B 54 13.52 -26.42 0.35
C ARG B 54 13.62 -24.95 0.78
N LEU B 55 12.53 -24.21 0.56
CA LEU B 55 12.51 -22.77 0.82
C LEU B 55 11.31 -22.41 1.70
N THR B 56 11.56 -22.03 2.94
CA THR B 56 10.48 -21.66 3.85
C THR B 56 10.46 -20.15 4.02
N LEU B 57 9.26 -19.59 3.93
CA LEU B 57 9.06 -18.15 3.94
C LEU B 57 8.28 -17.74 5.18
N TYR B 58 8.79 -16.76 5.91
CA TYR B 58 8.12 -16.25 7.10
C TYR B 58 7.83 -14.76 7.04
N ASP B 59 6.61 -14.39 7.44
CA ASP B 59 6.29 -13.00 7.72
C ASP B 59 5.03 -12.91 8.58
N ILE B 60 4.65 -11.69 8.94
CA ILE B 60 3.45 -11.44 9.73
C ILE B 60 2.24 -11.16 8.83
N ALA B 61 2.49 -11.02 7.53
CA ALA B 61 1.43 -10.80 6.56
C ALA B 61 1.87 -11.25 5.16
N HIS B 62 0.91 -11.70 4.36
CA HIS B 62 1.07 -11.99 2.91
C HIS B 62 1.81 -13.28 2.53
N THR B 63 2.43 -13.98 3.47
CA THR B 63 3.31 -15.12 3.16
C THR B 63 2.64 -16.24 2.36
N PRO B 64 1.41 -16.62 2.72
CA PRO B 64 0.76 -17.70 1.98
C PRO B 64 0.59 -17.38 0.50
N GLY B 65 0.35 -16.12 0.20
CA GLY B 65 0.19 -15.65 -1.17
C GLY B 65 1.50 -15.61 -1.93
N VAL B 66 2.56 -15.13 -1.27
CA VAL B 66 3.89 -15.09 -1.87
C VAL B 66 4.39 -16.51 -2.16
N ALA B 67 4.11 -17.42 -1.23
CA ALA B 67 4.52 -18.82 -1.35
C ALA B 67 3.77 -19.54 -2.45
N ALA B 68 2.45 -19.31 -2.53
CA ALA B 68 1.65 -19.91 -3.61
C ALA B 68 2.17 -19.43 -4.97
N ASP B 69 2.45 -18.13 -5.05
CA ASP B 69 3.03 -17.50 -6.24
C ASP B 69 4.32 -18.22 -6.66
N LEU B 70 5.30 -18.25 -5.75
CA LEU B 70 6.61 -18.85 -6.04
C LEU B 70 6.55 -20.36 -6.29
N SER B 71 5.57 -21.05 -5.70
CA SER B 71 5.48 -22.50 -5.81
C SER B 71 5.17 -22.99 -7.22
N HIS B 72 4.71 -22.08 -8.09
CA HIS B 72 4.37 -22.44 -9.46
C HIS B 72 5.60 -22.48 -10.38
N ILE B 73 6.72 -21.94 -9.90
CA ILE B 73 7.93 -21.84 -10.70
C ILE B 73 8.57 -23.22 -10.86
N GLU B 74 9.00 -23.51 -12.09
CA GLU B 74 9.46 -24.83 -12.53
C GLU B 74 10.88 -25.21 -12.08
N THR B 75 11.15 -25.07 -10.79
CA THR B 75 12.41 -25.50 -10.19
C THR B 75 12.09 -26.46 -9.04
N LYS B 76 13.12 -27.13 -8.54
CA LYS B 76 12.91 -28.24 -7.60
C LYS B 76 12.61 -27.80 -6.16
N ALA B 77 12.98 -26.57 -5.81
CA ALA B 77 12.77 -26.07 -4.44
C ALA B 77 11.30 -26.13 -4.04
N ALA B 78 11.00 -26.89 -2.99
CA ALA B 78 9.67 -26.93 -2.42
C ALA B 78 9.48 -25.67 -1.58
N VAL B 79 8.40 -24.94 -1.84
CA VAL B 79 8.15 -23.66 -1.18
C VAL B 79 6.97 -23.77 -0.21
N LYS B 80 7.12 -23.18 0.97
CA LYS B 80 6.02 -23.08 1.94
C LYS B 80 6.05 -21.75 2.67
N GLY B 81 4.86 -21.16 2.83
CA GLY B 81 4.71 -19.87 3.50
C GLY B 81 4.15 -20.08 4.90
N TYR B 82 4.72 -19.37 5.87
CA TYR B 82 4.32 -19.45 7.27
C TYR B 82 3.94 -18.06 7.74
N LEU B 83 2.87 -17.97 8.53
CA LEU B 83 2.29 -16.69 8.90
C LEU B 83 2.15 -16.55 10.40
N GLY B 84 2.82 -15.54 10.98
CA GLY B 84 2.75 -15.27 12.41
C GLY B 84 3.64 -16.18 13.25
N PRO B 85 4.05 -15.69 14.44
CA PRO B 85 4.99 -16.41 15.31
C PRO B 85 4.57 -17.83 15.70
N GLU B 86 3.28 -18.12 15.65
CA GLU B 86 2.76 -19.47 15.92
C GLU B 86 3.34 -20.48 14.93
N GLN B 87 3.59 -20.03 13.71
CA GLN B 87 4.12 -20.90 12.65
C GLN B 87 5.62 -20.69 12.41
N LEU B 88 6.24 -19.83 13.21
CA LEU B 88 7.66 -19.53 13.06
C LEU B 88 8.56 -20.74 13.38
N PRO B 89 8.27 -21.48 14.48
CA PRO B 89 9.02 -22.70 14.76
C PRO B 89 8.99 -23.72 13.61
N ASP B 90 7.82 -23.90 13.01
CA ASP B 90 7.66 -24.84 11.90
C ASP B 90 8.46 -24.41 10.68
N CYS B 91 8.52 -23.10 10.45
CA CYS B 91 9.31 -22.51 9.37
C CYS B 91 10.80 -22.82 9.50
N LEU B 92 11.29 -22.87 10.74
CA LEU B 92 12.72 -22.96 11.02
C LEU B 92 13.28 -24.39 11.13
N LYS B 93 12.42 -25.38 11.40
CA LYS B 93 12.86 -26.76 11.62
C LYS B 93 13.68 -27.33 10.46
N GLY B 94 14.87 -27.83 10.78
CA GLY B 94 15.76 -28.46 9.80
C GLY B 94 16.43 -27.50 8.83
N CYS B 95 16.43 -26.21 9.14
CA CYS B 95 17.01 -25.21 8.25
C CYS B 95 18.54 -25.28 8.28
N ASP B 96 19.14 -25.20 7.09
CA ASP B 96 20.58 -25.12 6.93
C ASP B 96 21.04 -23.67 6.93
N VAL B 97 20.20 -22.78 6.40
CA VAL B 97 20.51 -21.35 6.33
C VAL B 97 19.25 -20.55 6.63
N VAL B 98 19.43 -19.47 7.37
CA VAL B 98 18.35 -18.52 7.65
C VAL B 98 18.85 -17.14 7.23
N VAL B 99 18.14 -16.52 6.29
CA VAL B 99 18.45 -15.16 5.85
C VAL B 99 17.37 -14.24 6.40
N ILE B 100 17.78 -13.10 6.93
CA ILE B 100 16.86 -12.19 7.62
C ILE B 100 16.88 -10.82 6.95
N PRO B 101 16.10 -10.66 5.87
CA PRO B 101 15.89 -9.35 5.26
C PRO B 101 14.88 -8.48 6.02
N ALA B 102 14.13 -9.07 6.95
CA ALA B 102 13.14 -8.34 7.76
C ALA B 102 13.72 -7.03 8.29
N GLY B 103 12.87 -6.03 8.44
CA GLY B 103 13.28 -4.75 8.96
C GLY B 103 12.59 -3.60 8.27
N VAL B 104 12.63 -2.42 8.89
CA VAL B 104 12.05 -1.22 8.33
C VAL B 104 13.11 -0.53 7.47
N PRO B 105 12.73 -0.08 6.25
CA PRO B 105 13.68 0.63 5.41
C PRO B 105 13.75 2.13 5.74
N ARG B 106 14.80 2.79 5.29
CA ARG B 106 14.97 4.22 5.48
C ARG B 106 14.07 5.05 4.55
N LYS B 107 13.73 6.25 5.02
CA LYS B 107 13.15 7.31 4.21
C LYS B 107 14.20 8.39 4.06
N PRO B 108 14.07 9.27 3.04
CA PRO B 108 15.02 10.38 2.91
C PRO B 108 15.14 11.19 4.19
N GLY B 109 16.37 11.46 4.62
CA GLY B 109 16.63 12.15 5.87
C GLY B 109 17.09 11.24 6.99
N MET B 110 16.53 10.03 7.07
CA MET B 110 16.89 9.10 8.14
C MET B 110 18.32 8.59 7.97
N THR B 111 18.97 8.32 9.10
CA THR B 111 20.22 7.58 9.13
C THR B 111 19.85 6.11 9.34
N ARG B 112 20.80 5.22 9.14
CA ARG B 112 20.56 3.81 9.44
C ARG B 112 20.31 3.61 10.94
N ASP B 113 20.90 4.45 11.77
CA ASP B 113 20.70 4.38 13.22
C ASP B 113 19.28 4.74 13.68
N ASP B 114 18.58 5.58 12.90
CA ASP B 114 17.16 5.86 13.19
C ASP B 114 16.29 4.60 13.17
N LEU B 115 16.74 3.58 12.45
CA LEU B 115 16.06 2.29 12.38
C LEU B 115 16.46 1.33 13.50
N PHE B 116 17.46 1.71 14.30
CA PHE B 116 18.04 0.80 15.28
C PHE B 116 16.98 0.19 16.18
N ASN B 117 16.16 1.04 16.80
CA ASN B 117 15.20 0.57 17.79
C ASN B 117 14.28 -0.53 17.23
N THR B 118 13.65 -0.28 16.08
CA THR B 118 12.74 -1.26 15.48
C THR B 118 13.45 -2.52 15.02
N ASN B 119 14.52 -2.33 14.27
CA ASN B 119 15.23 -3.47 13.68
C ASN B 119 15.99 -4.31 14.70
N ALA B 120 16.44 -3.67 15.79
CA ALA B 120 17.07 -4.39 16.91
C ALA B 120 16.10 -5.37 17.58
N THR B 121 14.85 -4.94 17.79
CA THR B 121 13.87 -5.81 18.46
C THR B 121 13.39 -6.88 17.47
N ILE B 122 13.33 -6.53 16.19
CA ILE B 122 13.02 -7.51 15.14
C ILE B 122 14.10 -8.58 15.08
N VAL B 123 15.35 -8.17 14.96
CA VAL B 123 16.46 -9.13 14.91
C VAL B 123 16.55 -9.94 16.22
N ALA B 124 16.40 -9.29 17.36
CA ALA B 124 16.42 -9.98 18.65
C ALA B 124 15.36 -11.07 18.73
N THR B 125 14.14 -10.75 18.31
CA THR B 125 13.02 -11.69 18.35
C THR B 125 13.24 -12.88 17.41
N LEU B 126 13.68 -12.58 16.19
CA LEU B 126 13.83 -13.62 15.16
C LEU B 126 15.03 -14.54 15.39
N THR B 127 16.14 -13.98 15.86
CA THR B 127 17.33 -14.77 16.14
C THR B 127 17.17 -15.64 17.40
N ALA B 128 16.34 -15.17 18.33
CA ALA B 128 15.96 -16.00 19.49
C ALA B 128 15.22 -17.25 19.02
N ALA B 129 14.30 -17.07 18.08
CA ALA B 129 13.58 -18.21 17.49
C ALA B 129 14.52 -19.17 16.75
N CYS B 130 15.54 -18.63 16.08
CA CYS B 130 16.54 -19.45 15.41
C CYS B 130 17.37 -20.23 16.42
N ALA B 131 17.81 -19.56 17.49
CA ALA B 131 18.58 -20.20 18.55
C ALA B 131 17.83 -21.35 19.20
N GLN B 132 16.51 -21.21 19.30
CA GLN B 132 15.67 -22.23 19.91
C GLN B 132 15.30 -23.37 18.95
N HIS B 133 15.18 -23.06 17.66
CA HIS B 133 14.61 -24.02 16.69
C HIS B 133 15.53 -24.49 15.57
N CYS B 134 16.58 -23.72 15.27
CA CYS B 134 17.59 -24.16 14.29
C CYS B 134 18.96 -23.58 14.63
N PRO B 135 19.46 -23.89 15.84
CA PRO B 135 20.72 -23.29 16.36
C PRO B 135 21.97 -23.64 15.55
N GLU B 136 21.94 -24.75 14.83
CA GLU B 136 23.06 -25.16 13.98
C GLU B 136 23.05 -24.51 12.58
N ALA B 137 21.99 -23.76 12.26
CA ALA B 137 21.86 -23.16 10.94
C ALA B 137 22.81 -21.98 10.75
N MET B 138 23.14 -21.69 9.50
CA MET B 138 23.86 -20.47 9.16
C MET B 138 22.88 -19.30 9.27
N ILE B 139 23.27 -18.24 9.97
CA ILE B 139 22.41 -17.07 10.17
C ILE B 139 22.95 -15.86 9.41
N CYS B 140 22.22 -15.42 8.40
CA CYS B 140 22.62 -14.30 7.55
C CYS B 140 21.71 -13.10 7.78
N VAL B 141 22.26 -12.07 8.41
CA VAL B 141 21.49 -10.89 8.78
C VAL B 141 21.73 -9.76 7.78
N ILE B 142 20.63 -9.32 7.15
CA ILE B 142 20.62 -8.16 6.26
C ILE B 142 20.08 -6.93 6.99
N ALA B 143 19.17 -7.16 7.95
CA ALA B 143 18.55 -6.06 8.71
C ALA B 143 19.58 -5.05 9.25
N ASN B 144 19.34 -3.77 8.99
CA ASN B 144 20.22 -2.68 9.43
C ASN B 144 19.83 -2.08 10.78
N PRO B 145 20.78 -1.42 11.46
CA PRO B 145 22.18 -1.26 11.09
C PRO B 145 22.99 -2.50 11.45
N VAL B 146 23.63 -3.10 10.45
CA VAL B 146 24.34 -4.39 10.61
C VAL B 146 25.42 -4.34 11.70
N ASN B 147 26.04 -3.18 11.84
CA ASN B 147 27.11 -3.00 12.82
C ASN B 147 26.67 -3.16 14.27
N SER B 148 25.34 -3.10 14.50
CA SER B 148 24.77 -3.41 15.81
C SER B 148 23.95 -4.71 15.84
N THR B 149 23.31 -5.06 14.72
CA THR B 149 22.41 -6.23 14.70
C THR B 149 23.15 -7.57 14.67
N ILE B 150 24.40 -7.56 14.21
CA ILE B 150 25.23 -8.77 14.33
C ILE B 150 25.63 -9.03 15.78
N PRO B 151 26.17 -8.00 16.48
CA PRO B 151 26.38 -8.14 17.92
C PRO B 151 25.14 -8.62 18.68
N ILE B 152 23.98 -8.04 18.35
CA ILE B 152 22.73 -8.45 18.96
C ILE B 152 22.46 -9.94 18.72
N THR B 153 22.65 -10.38 17.48
CA THR B 153 22.43 -11.79 17.12
C THR B 153 23.35 -12.72 17.91
N ALA B 154 24.61 -12.33 18.04
CA ALA B 154 25.60 -13.11 18.80
C ALA B 154 25.19 -13.23 20.28
N GLU B 155 24.88 -12.09 20.90
CA GLU B 155 24.48 -12.06 22.30
C GLU B 155 23.20 -12.85 22.57
N VAL B 156 22.24 -12.78 21.65
CA VAL B 156 21.01 -13.59 21.77
C VAL B 156 21.36 -15.07 21.71
N PHE B 157 22.26 -15.44 20.81
CA PHE B 157 22.73 -16.83 20.71
C PHE B 157 23.53 -17.24 21.95
N LYS B 158 24.36 -16.33 22.47
CA LYS B 158 25.10 -16.57 23.72
C LYS B 158 24.16 -16.90 24.88
N LYS B 159 23.09 -16.11 25.02
CA LYS B 159 22.13 -16.32 26.11
C LYS B 159 21.34 -17.62 26.00
N HIS B 160 21.27 -18.19 24.80
CA HIS B 160 20.61 -19.50 24.60
C HIS B 160 21.59 -20.67 24.70
N GLY B 161 22.87 -20.39 24.89
CA GLY B 161 23.88 -21.44 25.06
C GLY B 161 24.18 -22.23 23.80
N VAL B 162 23.95 -21.63 22.63
CA VAL B 162 24.19 -22.29 21.34
C VAL B 162 25.02 -21.38 20.43
N TYR B 163 25.91 -20.61 21.04
CA TYR B 163 26.69 -19.61 20.31
C TYR B 163 27.78 -20.27 19.46
N ASN B 164 27.77 -19.97 18.16
CA ASN B 164 28.80 -20.42 17.23
C ASN B 164 29.17 -19.27 16.29
N PRO B 165 30.30 -18.58 16.56
CA PRO B 165 30.71 -17.42 15.76
C PRO B 165 31.10 -17.73 14.31
N ASN B 166 31.30 -19.01 13.97
CA ASN B 166 31.55 -19.43 12.60
C ASN B 166 30.29 -19.45 11.70
N LYS B 167 29.11 -19.29 12.29
CA LYS B 167 27.84 -19.40 11.55
C LYS B 167 26.96 -18.15 11.57
N ILE B 168 27.52 -17.00 11.98
CA ILE B 168 26.77 -15.75 12.07
C ILE B 168 27.38 -14.70 11.13
N PHE B 169 26.62 -14.26 10.14
CA PHE B 169 27.14 -13.36 9.10
C PHE B 169 26.31 -12.08 8.93
N GLY B 170 26.98 -10.93 9.03
CA GLY B 170 26.41 -9.66 8.58
C GLY B 170 26.64 -9.52 7.08
N VAL B 171 25.55 -9.53 6.31
CA VAL B 171 25.66 -9.51 4.85
C VAL B 171 26.01 -8.10 4.37
N THR B 172 27.28 -7.92 4.00
CA THR B 172 27.78 -6.65 3.50
C THR B 172 28.06 -6.74 2.00
N THR B 173 27.64 -7.84 1.39
CA THR B 173 27.92 -8.15 0.00
C THR B 173 27.56 -7.02 -0.99
N LEU B 174 26.50 -6.27 -0.69
CA LEU B 174 26.08 -5.17 -1.56
C LEU B 174 27.15 -4.10 -1.72
N ASP B 175 27.95 -3.88 -0.68
CA ASP B 175 29.08 -2.94 -0.76
C ASP B 175 30.12 -3.40 -1.78
N ILE B 176 30.37 -4.71 -1.83
CA ILE B 176 31.33 -5.27 -2.78
C ILE B 176 30.74 -5.19 -4.19
N VAL B 177 29.46 -5.55 -4.30
CA VAL B 177 28.74 -5.47 -5.58
C VAL B 177 28.75 -4.05 -6.15
N ARG B 178 28.53 -3.06 -5.29
CA ARG B 178 28.54 -1.64 -5.71
C ARG B 178 29.93 -1.16 -6.13
N ALA B 179 30.95 -1.54 -5.35
CA ALA B 179 32.33 -1.17 -5.67
C ALA B 179 32.76 -1.72 -7.03
N ASN B 180 32.39 -2.97 -7.29
CA ASN B 180 32.70 -3.60 -8.58
C ASN B 180 32.07 -2.85 -9.75
N THR B 181 30.82 -2.45 -9.58
CA THR B 181 30.08 -1.76 -10.63
C THR B 181 30.68 -0.37 -10.90
N PHE B 182 30.93 0.38 -9.84
CA PHE B 182 31.43 1.75 -9.98
C PHE B 182 32.86 1.78 -10.54
N VAL B 183 33.71 0.86 -10.09
CA VAL B 183 35.05 0.72 -10.67
C VAL B 183 34.96 0.35 -12.15
N ALA B 184 34.12 -0.64 -12.47
CA ALA B 184 33.98 -1.11 -13.85
C ALA B 184 33.47 -0.01 -14.79
N GLU B 185 32.53 0.79 -14.31
CA GLU B 185 31.98 1.90 -15.08
C GLU B 185 33.05 2.97 -15.37
N LEU B 186 33.84 3.32 -14.37
CA LEU B 186 34.92 4.29 -14.55
C LEU B 186 36.03 3.80 -15.48
N LYS B 187 36.29 2.48 -15.47
CA LYS B 187 37.38 1.90 -16.26
C LYS B 187 36.93 1.16 -17.53
N GLY B 188 35.64 1.23 -17.85
CA GLY B 188 35.11 0.56 -19.03
C GLY B 188 35.26 -0.96 -19.02
N LEU B 189 35.10 -1.57 -17.85
CA LEU B 189 35.23 -3.02 -17.69
C LEU B 189 33.86 -3.68 -17.53
N ASP B 190 33.82 -4.99 -17.70
CA ASP B 190 32.64 -5.78 -17.37
C ASP B 190 32.63 -5.95 -15.84
N PRO B 191 31.58 -5.48 -15.16
CA PRO B 191 31.54 -5.59 -13.69
C PRO B 191 31.65 -7.02 -13.15
N ALA B 192 31.21 -7.99 -13.95
CA ALA B 192 31.23 -9.39 -13.54
C ALA B 192 32.64 -9.96 -13.35
N ARG B 193 33.64 -9.30 -13.94
CA ARG B 193 35.03 -9.74 -13.81
C ARG B 193 35.87 -8.82 -12.92
N VAL B 194 35.22 -7.90 -12.21
CA VAL B 194 35.89 -7.03 -11.24
C VAL B 194 35.64 -7.56 -9.82
N ASN B 195 36.63 -7.44 -8.96
CA ASN B 195 36.48 -7.76 -7.55
C ASN B 195 37.16 -6.72 -6.67
N VAL B 196 36.37 -6.01 -5.87
CA VAL B 196 36.86 -5.03 -4.93
C VAL B 196 36.55 -5.51 -3.52
N PRO B 197 37.58 -5.86 -2.74
CA PRO B 197 37.34 -6.14 -1.33
C PRO B 197 36.84 -4.90 -0.61
N VAL B 198 35.82 -5.07 0.22
CA VAL B 198 35.34 -4.01 1.09
C VAL B 198 35.32 -4.54 2.51
N ILE B 199 35.88 -3.77 3.44
CA ILE B 199 36.04 -4.20 4.82
C ILE B 199 35.45 -3.16 5.78
N GLY B 200 35.49 -3.48 7.07
CA GLY B 200 34.98 -2.59 8.12
C GLY B 200 33.59 -2.97 8.55
N GLY B 201 32.60 -2.15 8.18
CA GLY B 201 31.19 -2.42 8.47
C GLY B 201 30.27 -1.88 7.39
N HIS B 202 28.98 -1.79 7.70
CA HIS B 202 28.02 -1.19 6.78
C HIS B 202 27.36 0.07 7.35
N ALA B 203 28.11 1.16 7.30
CA ALA B 203 27.62 2.49 7.62
C ALA B 203 28.62 3.51 7.10
N GLY B 204 28.16 4.73 6.89
CA GLY B 204 28.95 5.82 6.28
C GLY B 204 30.32 5.54 5.68
N LYS B 205 31.45 5.87 6.31
CA LYS B 205 31.78 5.87 7.75
C LYS B 205 32.65 4.63 7.92
N THR B 206 32.02 3.48 8.16
CA THR B 206 32.75 2.22 8.36
C THR B 206 33.00 1.45 7.06
N ILE B 207 32.43 1.91 5.94
CA ILE B 207 32.59 1.25 4.65
C ILE B 207 33.93 1.62 4.04
N ILE B 208 34.80 0.62 3.89
CA ILE B 208 36.17 0.85 3.41
C ILE B 208 36.45 0.00 2.17
N PRO B 209 36.34 0.61 0.98
CA PRO B 209 36.71 -0.12 -0.24
C PRO B 209 38.22 -0.17 -0.45
N LEU B 210 38.74 -1.38 -0.60
CA LEU B 210 40.17 -1.57 -0.81
C LEU B 210 40.50 -1.61 -2.31
N ILE B 211 40.54 -0.43 -2.92
CA ILE B 211 40.83 -0.32 -4.35
C ILE B 211 42.26 -0.80 -4.65
N SER B 212 43.16 -0.67 -3.68
CA SER B 212 44.54 -1.18 -3.84
C SER B 212 44.56 -2.70 -4.04
N GLN B 213 43.60 -3.40 -3.42
CA GLN B 213 43.50 -4.86 -3.55
C GLN B 213 42.54 -5.29 -4.65
N CYS B 214 42.14 -4.37 -5.53
CA CYS B 214 41.18 -4.69 -6.59
C CYS B 214 41.79 -5.55 -7.68
N THR B 215 40.99 -6.48 -8.22
CA THR B 215 41.38 -7.25 -9.40
C THR B 215 40.29 -7.12 -10.48
N PRO B 216 40.68 -6.80 -11.72
CA PRO B 216 42.05 -6.50 -12.18
C PRO B 216 42.61 -5.24 -11.54
N LYS B 217 43.93 -5.09 -11.59
CA LYS B 217 44.60 -3.94 -10.98
C LYS B 217 44.15 -2.65 -11.64
N VAL B 218 43.73 -1.68 -10.83
CA VAL B 218 43.24 -0.39 -11.32
C VAL B 218 44.06 0.75 -10.74
N ASP B 219 44.01 1.89 -11.42
CA ASP B 219 44.89 3.02 -11.14
C ASP B 219 44.10 4.32 -11.22
N PHE B 220 43.85 4.92 -10.06
CA PHE B 220 43.08 6.16 -9.98
C PHE B 220 43.91 7.28 -9.36
N PRO B 221 43.82 8.50 -9.90
CA PRO B 221 44.29 9.68 -9.17
C PRO B 221 43.55 9.86 -7.84
N GLN B 222 44.18 10.53 -6.89
CA GLN B 222 43.66 10.62 -5.51
C GLN B 222 42.28 11.29 -5.43
N ASP B 223 42.10 12.39 -6.16
CA ASP B 223 40.80 13.08 -6.17
C ASP B 223 39.71 12.21 -6.79
N GLN B 224 40.06 11.47 -7.83
CA GLN B 224 39.15 10.52 -8.48
C GLN B 224 38.93 9.29 -7.58
N LEU B 225 39.98 8.85 -6.90
CA LEU B 225 39.90 7.76 -5.94
C LEU B 225 39.02 8.13 -4.74
N THR B 226 39.15 9.37 -4.29
CA THR B 226 38.38 9.87 -3.14
C THR B 226 36.88 9.96 -3.48
N ALA B 227 36.58 10.45 -4.68
CA ALA B 227 35.21 10.53 -5.17
C ALA B 227 34.59 9.14 -5.31
N LEU B 228 35.35 8.22 -5.92
CA LEU B 228 34.95 6.82 -6.04
C LEU B 228 34.65 6.20 -4.67
N THR B 229 35.51 6.48 -3.70
CA THR B 229 35.36 5.94 -2.35
C THR B 229 34.11 6.47 -1.67
N GLY B 230 33.93 7.79 -1.72
CA GLY B 230 32.74 8.43 -1.13
C GLY B 230 31.44 7.99 -1.78
N ARG B 231 31.50 7.75 -3.09
CA ARG B 231 30.36 7.22 -3.85
C ARG B 231 29.93 5.86 -3.31
N ILE B 232 30.89 4.96 -3.12
CA ILE B 232 30.61 3.62 -2.59
C ILE B 232 30.06 3.71 -1.17
N GLN B 233 30.64 4.61 -0.39
CA GLN B 233 30.25 4.82 1.01
C GLN B 233 28.81 5.32 1.18
N GLU B 234 28.35 6.15 0.25
CA GLU B 234 27.04 6.78 0.39
C GLU B 234 26.02 6.26 -0.64
N ALA B 235 26.33 5.13 -1.26
CA ALA B 235 25.47 4.57 -2.32
C ALA B 235 24.09 4.18 -1.82
N GLY B 236 23.99 3.67 -0.60
CA GLY B 236 22.71 3.34 0.01
C GLY B 236 21.81 4.56 0.14
N THR B 237 22.40 5.65 0.64
CA THR B 237 21.73 6.94 0.77
C THR B 237 21.29 7.47 -0.60
N GLU B 238 22.17 7.34 -1.59
CA GLU B 238 21.87 7.73 -2.96
C GLU B 238 20.57 7.09 -3.46
N VAL B 239 20.42 5.79 -3.23
CA VAL B 239 19.21 5.06 -3.62
C VAL B 239 17.98 5.52 -2.82
N VAL B 240 18.15 5.81 -1.53
CA VAL B 240 17.05 6.35 -0.71
C VAL B 240 16.55 7.67 -1.29
N LYS B 241 17.46 8.58 -1.62
CA LYS B 241 17.11 9.85 -2.25
C LYS B 241 16.33 9.62 -3.56
N ALA B 242 16.85 8.70 -4.38
CA ALA B 242 16.25 8.41 -5.68
C ALA B 242 14.83 7.85 -5.56
N LYS B 243 14.58 7.09 -4.50
CA LYS B 243 13.27 6.51 -4.26
C LYS B 243 12.27 7.49 -3.62
N ALA B 244 12.77 8.63 -3.14
CA ALA B 244 11.94 9.77 -2.73
C ALA B 244 10.82 9.41 -1.74
N GLY B 245 11.12 8.54 -0.80
CA GLY B 245 10.17 8.15 0.23
C GLY B 245 9.59 6.76 0.05
N ALA B 246 9.89 6.14 -1.10
CA ALA B 246 9.38 4.78 -1.39
C ALA B 246 10.35 3.69 -0.91
N GLY B 247 11.24 4.02 0.02
CA GLY B 247 12.10 3.02 0.67
C GLY B 247 13.56 3.12 0.27
N SER B 248 14.27 2.02 0.51
CA SER B 248 15.69 1.91 0.20
C SER B 248 15.90 0.76 -0.79
N ALA B 249 17.16 0.42 -1.04
CA ALA B 249 17.50 -0.63 -1.98
C ALA B 249 16.79 -1.93 -1.67
N THR B 250 16.09 -2.49 -2.65
CA THR B 250 15.38 -3.74 -2.49
C THR B 250 15.90 -4.80 -3.47
N LEU B 251 15.98 -4.43 -4.75
CA LEU B 251 16.30 -5.38 -5.82
C LEU B 251 17.79 -5.73 -5.83
N SER B 252 18.64 -4.71 -5.73
CA SER B 252 20.08 -4.92 -5.61
C SER B 252 20.43 -5.60 -4.29
N MET B 253 19.68 -5.29 -3.24
CA MET B 253 19.84 -5.95 -1.94
C MET B 253 19.45 -7.42 -2.04
N ALA B 254 18.39 -7.72 -2.79
CA ALA B 254 18.00 -9.10 -3.05
C ALA B 254 19.10 -9.82 -3.82
N TYR B 255 19.68 -9.17 -4.83
CA TYR B 255 20.79 -9.73 -5.58
C TYR B 255 21.98 -10.05 -4.68
N ALA B 256 22.37 -9.09 -3.85
CA ALA B 256 23.51 -9.26 -2.95
C ALA B 256 23.27 -10.37 -1.93
N GLY B 257 22.06 -10.41 -1.36
CA GLY B 257 21.71 -11.43 -0.38
C GLY B 257 21.76 -12.84 -0.96
N ALA B 258 21.21 -12.99 -2.16
CA ALA B 258 21.20 -14.27 -2.84
C ALA B 258 22.63 -14.70 -3.21
N ARG B 259 23.46 -13.76 -3.67
CA ARG B 259 24.85 -14.05 -3.98
C ARG B 259 25.56 -14.64 -2.75
N PHE B 260 25.45 -13.97 -1.61
CA PHE B 260 26.07 -14.46 -0.38
C PHE B 260 25.56 -15.84 0.06
N VAL B 261 24.25 -16.06 -0.02
CA VAL B 261 23.65 -17.34 0.33
C VAL B 261 24.12 -18.44 -0.63
N PHE B 262 24.20 -18.13 -1.93
CA PHE B 262 24.71 -19.07 -2.91
C PHE B 262 26.17 -19.44 -2.62
N SER B 263 27.00 -18.45 -2.31
CA SER B 263 28.41 -18.68 -1.98
C SER B 263 28.53 -19.60 -0.77
N LEU B 264 27.76 -19.29 0.27
CA LEU B 264 27.77 -20.06 1.51
C LEU B 264 27.31 -21.49 1.29
N VAL B 265 26.24 -21.68 0.51
CA VAL B 265 25.69 -23.01 0.27
C VAL B 265 26.61 -23.86 -0.64
N ASP B 266 27.19 -23.24 -1.66
CA ASP B 266 28.20 -23.92 -2.48
C ASP B 266 29.37 -24.39 -1.61
N ALA B 267 29.84 -23.52 -0.72
CA ALA B 267 30.90 -23.85 0.22
C ALA B 267 30.50 -25.00 1.14
N MET B 268 29.27 -24.95 1.66
CA MET B 268 28.73 -26.02 2.50
C MET B 268 28.67 -27.36 1.78
N ASN B 269 28.56 -27.31 0.45
CA ASN B 269 28.56 -28.53 -0.39
C ASN B 269 29.96 -28.95 -0.85
N GLY B 270 31.00 -28.36 -0.27
CA GLY B 270 32.37 -28.77 -0.53
C GLY B 270 33.09 -28.05 -1.66
N LYS B 271 32.53 -26.96 -2.16
CA LYS B 271 33.26 -26.16 -3.15
C LYS B 271 34.41 -25.44 -2.46
N GLU B 272 35.59 -25.50 -3.09
CA GLU B 272 36.80 -24.90 -2.53
C GLU B 272 37.05 -23.52 -3.12
N GLY B 273 37.73 -22.67 -2.37
CA GLY B 273 38.14 -21.35 -2.83
C GLY B 273 37.08 -20.26 -2.73
N VAL B 274 35.99 -20.53 -2.02
CA VAL B 274 34.89 -19.57 -1.90
C VAL B 274 35.21 -18.52 -0.85
N VAL B 275 35.43 -17.29 -1.30
CA VAL B 275 35.76 -16.17 -0.44
C VAL B 275 34.72 -15.05 -0.58
N GLU B 276 34.15 -14.64 0.55
CA GLU B 276 33.25 -13.48 0.60
C GLU B 276 33.58 -12.63 1.81
N CYS B 277 33.54 -11.30 1.64
CA CYS B 277 33.61 -10.39 2.77
C CYS B 277 32.29 -10.45 3.54
N SER B 278 32.37 -10.36 4.86
CA SER B 278 31.17 -10.36 5.70
C SER B 278 31.50 -9.87 7.10
N PHE B 279 30.53 -9.21 7.73
CA PHE B 279 30.68 -8.65 9.07
C PHE B 279 30.44 -9.73 10.11
N VAL B 280 31.51 -10.14 10.78
CA VAL B 280 31.48 -11.29 11.68
C VAL B 280 32.25 -11.05 12.99
N LYS B 281 32.08 -11.97 13.94
CA LYS B 281 32.90 -11.99 15.15
C LYS B 281 34.35 -12.18 14.71
N SER B 282 35.22 -11.24 15.08
CA SER B 282 36.57 -11.19 14.52
C SER B 282 37.61 -10.65 15.49
N GLN B 283 38.79 -11.26 15.50
CA GLN B 283 39.95 -10.75 16.22
C GLN B 283 41.03 -10.34 15.20
N GLU B 284 40.62 -9.54 14.20
CA GLU B 284 41.52 -9.03 13.17
C GLU B 284 42.03 -7.65 13.56
N THR B 285 41.11 -6.80 14.02
CA THR B 285 41.44 -5.48 14.56
C THR B 285 41.10 -5.48 16.05
N GLU B 286 41.12 -4.31 16.69
CA GLU B 286 40.70 -4.19 18.08
C GLU B 286 39.20 -4.39 18.26
N CYS B 287 38.43 -4.21 17.18
CA CYS B 287 36.99 -4.45 17.20
C CYS B 287 36.70 -5.94 17.33
N THR B 288 35.79 -6.30 18.24
CA THR B 288 35.33 -7.67 18.39
C THR B 288 34.51 -8.12 17.17
N TYR B 289 33.96 -7.16 16.43
CA TYR B 289 33.27 -7.44 15.18
C TYR B 289 33.86 -6.61 14.05
N PHE B 290 34.01 -7.22 12.89
CA PHE B 290 34.65 -6.55 11.74
C PHE B 290 34.35 -7.33 10.47
N SER B 291 34.32 -6.63 9.34
CA SER B 291 34.11 -7.28 8.05
C SER B 291 35.44 -7.43 7.32
N THR B 292 35.80 -8.66 7.02
CA THR B 292 36.98 -8.98 6.23
C THR B 292 36.61 -10.09 5.25
N PRO B 293 37.49 -10.34 4.25
CA PRO B 293 37.36 -11.51 3.39
C PRO B 293 37.42 -12.80 4.21
N LEU B 294 36.47 -13.71 3.97
CA LEU B 294 36.38 -14.96 4.69
C LEU B 294 36.39 -16.12 3.73
N LEU B 295 37.24 -17.11 4.00
CA LEU B 295 37.15 -18.39 3.31
C LEU B 295 35.99 -19.15 3.92
N LEU B 296 35.01 -19.53 3.10
CA LEU B 296 33.82 -20.21 3.56
C LEU B 296 33.96 -21.71 3.33
N GLY B 297 33.17 -22.50 4.08
CA GLY B 297 33.16 -23.95 3.92
C GLY B 297 32.09 -24.63 4.74
N LYS B 298 32.33 -25.89 5.07
CA LYS B 298 31.33 -26.76 5.70
C LYS B 298 30.96 -26.36 7.13
N LYS B 299 31.87 -25.67 7.83
CA LYS B 299 31.59 -25.17 9.18
C LYS B 299 31.18 -23.69 9.16
N GLY B 300 30.97 -23.14 7.97
CA GLY B 300 30.69 -21.71 7.80
C GLY B 300 31.99 -20.99 7.49
N ILE B 301 32.48 -20.22 8.47
CA ILE B 301 33.79 -19.59 8.34
C ILE B 301 34.87 -20.65 8.56
N GLU B 302 35.62 -20.97 7.50
CA GLU B 302 36.77 -21.87 7.61
C GLU B 302 37.99 -21.11 8.08
N LYS B 303 38.16 -19.89 7.59
CA LYS B 303 39.33 -19.08 7.89
C LYS B 303 39.05 -17.61 7.59
N ASN B 304 39.38 -16.75 8.54
CA ASN B 304 39.33 -15.30 8.34
C ASN B 304 40.63 -14.90 7.65
N LEU B 305 40.55 -14.50 6.39
CA LEU B 305 41.74 -14.14 5.61
C LEU B 305 42.30 -12.78 6.00
N GLY B 306 41.56 -12.00 6.79
CA GLY B 306 42.07 -10.77 7.37
C GLY B 306 42.16 -9.60 6.41
N ILE B 307 42.78 -8.52 6.87
CA ILE B 307 42.81 -7.25 6.13
C ILE B 307 43.85 -7.22 5.02
N GLY B 308 45.02 -7.81 5.24
CA GLY B 308 46.07 -7.87 4.21
C GLY B 308 46.75 -6.54 3.94
N LYS B 309 47.46 -6.45 2.82
CA LYS B 309 48.26 -5.25 2.48
C LYS B 309 47.39 -4.14 1.92
N VAL B 310 47.39 -2.99 2.60
CA VAL B 310 46.55 -1.85 2.22
C VAL B 310 47.37 -0.57 2.10
N SER B 311 46.83 0.39 1.34
CA SER B 311 47.49 1.67 1.15
C SER B 311 47.44 2.49 2.43
N SER B 312 48.25 3.55 2.46
CA SER B 312 48.24 4.50 3.58
C SER B 312 46.88 5.19 3.69
N PHE B 313 46.31 5.55 2.54
CA PHE B 313 44.95 6.13 2.50
C PHE B 313 43.90 5.16 3.07
N GLU B 314 43.98 3.90 2.65
CA GLU B 314 43.07 2.86 3.15
C GLU B 314 43.28 2.59 4.63
N GLU B 315 44.53 2.65 5.09
CA GLU B 315 44.85 2.45 6.51
C GLU B 315 44.30 3.57 7.38
N LYS B 316 44.34 4.80 6.87
CA LYS B 316 43.76 5.95 7.58
C LYS B 316 42.27 5.74 7.83
N MET B 317 41.55 5.25 6.80
CA MET B 317 40.11 5.00 6.92
C MET B 317 39.78 3.94 7.98
N ILE B 318 40.59 2.88 8.04
CA ILE B 318 40.37 1.81 9.02
C ILE B 318 40.43 2.37 10.44
N SER B 319 41.35 3.30 10.67
CA SER B 319 41.53 3.92 11.97
C SER B 319 40.37 4.85 12.35
N ASP B 320 39.92 5.66 11.38
CA ASP B 320 38.79 6.57 11.59
C ASP B 320 37.48 5.83 11.86
N ALA B 321 37.35 4.62 11.31
CA ALA B 321 36.11 3.85 11.38
C ALA B 321 35.93 3.09 12.70
N ILE B 322 37.04 2.65 13.29
CA ILE B 322 37.02 1.83 14.50
C ILE B 322 36.26 2.45 15.67
N PRO B 323 36.41 3.78 15.89
CA PRO B 323 35.60 4.45 16.91
C PRO B 323 34.09 4.21 16.74
N GLU B 324 33.57 4.39 15.53
CA GLU B 324 32.14 4.21 15.26
C GLU B 324 31.71 2.76 15.44
N LEU B 325 32.53 1.83 14.93
CA LEU B 325 32.25 0.40 15.05
C LEU B 325 32.09 -0.03 16.52
N LYS B 326 33.01 0.42 17.37
CA LYS B 326 32.94 0.14 18.81
C LYS B 326 31.62 0.61 19.42
N ALA B 327 31.25 1.84 19.11
CA ALA B 327 29.97 2.40 19.56
C ALA B 327 28.79 1.54 19.10
N SER B 328 28.78 1.16 17.82
CA SER B 328 27.70 0.34 17.25
C SER B 328 27.64 -1.03 17.90
N ILE B 329 28.81 -1.65 18.10
CA ILE B 329 28.88 -2.94 18.80
C ILE B 329 28.38 -2.80 20.23
N LYS B 330 28.86 -1.77 20.94
CA LYS B 330 28.46 -1.51 22.32
C LYS B 330 26.94 -1.26 22.42
N LYS B 331 26.42 -0.43 21.50
CA LYS B 331 24.99 -0.13 21.44
C LYS B 331 24.15 -1.39 21.27
N GLY B 332 24.59 -2.28 20.39
CA GLY B 332 23.89 -3.54 20.14
C GLY B 332 23.98 -4.50 21.31
N GLU B 333 25.16 -4.58 21.91
CA GLU B 333 25.36 -5.41 23.12
C GLU B 333 24.54 -4.88 24.29
N ASP B 334 24.58 -3.56 24.50
CA ASP B 334 23.79 -2.92 25.56
C ASP B 334 22.28 -3.17 25.40
N PHE B 335 21.81 -3.21 24.15
CA PHE B 335 20.39 -3.44 23.87
C PHE B 335 19.92 -4.80 24.34
N VAL B 336 20.75 -5.82 24.15
CA VAL B 336 20.40 -7.19 24.54
C VAL B 336 20.37 -7.35 26.06
N LYS B 337 21.20 -6.60 26.78
CA LYS B 337 21.23 -6.65 28.24
C LYS B 337 19.94 -6.11 28.85
N THR B 338 19.35 -5.11 28.20
CA THR B 338 18.09 -4.52 28.66
C THR B 338 16.89 -5.46 28.47
N LEU B 339 17.05 -6.48 27.65
CA LEU B 339 16.00 -7.49 27.49
C LEU B 339 16.07 -8.50 28.63
N ASN C 26 -15.84 32.41 7.83
CA ASN C 26 -15.04 32.62 6.58
C ASN C 26 -13.56 32.28 6.77
N ALA C 27 -13.28 31.18 7.45
CA ALA C 27 -11.90 30.78 7.72
C ALA C 27 -11.30 30.04 6.52
N LYS C 28 -10.11 30.45 6.09
CA LYS C 28 -9.37 29.73 5.07
C LYS C 28 -8.38 28.79 5.75
N VAL C 29 -8.57 27.49 5.58
CA VAL C 29 -7.70 26.49 6.20
C VAL C 29 -6.89 25.73 5.16
N ALA C 30 -5.58 25.64 5.40
CA ALA C 30 -4.69 24.83 4.58
C ALA C 30 -4.30 23.56 5.33
N VAL C 31 -4.29 22.43 4.62
CA VAL C 31 -3.85 21.16 5.18
C VAL C 31 -2.62 20.69 4.40
N LEU C 32 -1.46 20.72 5.07
CA LEU C 32 -0.21 20.31 4.45
C LEU C 32 0.09 18.86 4.82
N GLY C 33 0.01 17.98 3.83
CA GLY C 33 0.03 16.53 4.05
C GLY C 33 -1.38 15.97 4.01
N ALA C 34 -2.21 16.53 3.13
CA ALA C 34 -3.64 16.21 3.07
C ALA C 34 -3.96 14.83 2.51
N SER C 35 -3.00 14.20 1.82
CA SER C 35 -3.22 12.86 1.24
C SER C 35 -2.84 11.70 2.15
N GLY C 36 -2.21 12.00 3.29
CA GLY C 36 -1.75 10.96 4.21
C GLY C 36 -2.88 10.31 4.99
N GLY C 37 -2.52 9.31 5.78
CA GLY C 37 -3.47 8.62 6.67
C GLY C 37 -4.20 9.55 7.63
N ILE C 38 -3.49 10.55 8.15
CA ILE C 38 -4.12 11.54 9.03
C ILE C 38 -4.83 12.60 8.19
N GLY C 39 -4.15 13.06 7.14
CA GLY C 39 -4.60 14.19 6.35
C GLY C 39 -5.95 14.05 5.68
N GLN C 40 -6.29 12.84 5.21
CA GLN C 40 -7.55 12.64 4.49
C GLN C 40 -8.78 12.70 5.39
N PRO C 41 -8.82 11.88 6.47
CA PRO C 41 -9.94 12.01 7.41
C PRO C 41 -10.01 13.39 8.10
N LEU C 42 -8.85 14.01 8.33
CA LEU C 42 -8.80 15.37 8.86
C LEU C 42 -9.52 16.33 7.92
N SER C 43 -9.14 16.28 6.64
CA SER C 43 -9.71 17.15 5.62
C SER C 43 -11.21 16.96 5.49
N LEU C 44 -11.67 15.72 5.61
CA LEU C 44 -13.10 15.40 5.62
C LEU C 44 -13.82 16.13 6.75
N LEU C 45 -13.27 16.01 7.97
CA LEU C 45 -13.89 16.63 9.15
C LEU C 45 -13.94 18.16 9.02
N LEU C 46 -12.86 18.75 8.50
CA LEU C 46 -12.81 20.18 8.23
C LEU C 46 -13.81 20.61 7.16
N LYS C 47 -13.99 19.77 6.14
CA LYS C 47 -14.95 20.05 5.06
C LYS C 47 -16.39 20.01 5.57
N ASN C 48 -16.66 19.15 6.55
CA ASN C 48 -18.00 19.04 7.12
C ASN C 48 -18.44 20.20 8.01
N SER C 49 -17.52 21.13 8.32
CA SER C 49 -17.76 22.18 9.31
C SER C 49 -18.24 23.50 8.69
N PRO C 50 -19.31 24.10 9.26
CA PRO C 50 -19.77 25.42 8.79
C PRO C 50 -18.80 26.57 9.06
N LEU C 51 -17.74 26.33 9.81
CA LEU C 51 -16.76 27.37 10.15
C LEU C 51 -15.77 27.63 9.02
N VAL C 52 -15.56 26.65 8.15
CA VAL C 52 -14.56 26.74 7.07
C VAL C 52 -15.22 27.14 5.76
N SER C 53 -14.65 28.15 5.10
CA SER C 53 -15.13 28.61 3.80
C SER C 53 -14.18 28.27 2.65
N ARG C 54 -12.90 28.11 2.97
CA ARG C 54 -11.89 27.75 1.98
C ARG C 54 -11.00 26.67 2.57
N LEU C 55 -10.89 25.54 1.86
CA LEU C 55 -10.07 24.42 2.29
C LEU C 55 -9.05 24.09 1.21
N THR C 56 -7.78 24.41 1.45
CA THR C 56 -6.72 24.12 0.50
C THR C 56 -5.89 22.94 0.97
N LEU C 57 -5.72 21.96 0.09
CA LEU C 57 -5.08 20.70 0.42
C LEU C 57 -3.74 20.60 -0.30
N TYR C 58 -2.67 20.33 0.43
CA TYR C 58 -1.34 20.16 -0.17
C TYR C 58 -0.72 18.81 0.14
N ASP C 59 -0.04 18.25 -0.87
CA ASP C 59 0.82 17.08 -0.68
C ASP C 59 1.69 16.90 -1.93
N ILE C 60 2.52 15.87 -1.96
CA ILE C 60 3.35 15.56 -3.12
C ILE C 60 2.70 14.53 -4.05
N ALA C 61 1.52 14.05 -3.68
CA ALA C 61 0.76 13.09 -4.48
C ALA C 61 -0.70 13.01 -4.02
N HIS C 62 -1.59 12.73 -4.97
CA HIS C 62 -3.00 12.36 -4.71
C HIS C 62 -3.96 13.49 -4.34
N THR C 63 -3.49 14.72 -4.18
CA THR C 63 -4.35 15.83 -3.73
C THR C 63 -5.46 16.23 -4.71
N PRO C 64 -5.20 16.21 -6.03
CA PRO C 64 -6.31 16.52 -6.93
C PRO C 64 -7.50 15.58 -6.73
N GLY C 65 -7.21 14.29 -6.50
CA GLY C 65 -8.23 13.27 -6.30
C GLY C 65 -8.93 13.39 -4.94
N VAL C 66 -8.17 13.73 -3.91
CA VAL C 66 -8.73 13.96 -2.58
C VAL C 66 -9.66 15.18 -2.61
N ALA C 67 -9.20 16.27 -3.24
CA ALA C 67 -10.00 17.49 -3.37
C ALA C 67 -11.26 17.28 -4.20
N ALA C 68 -11.12 16.55 -5.31
CA ALA C 68 -12.29 16.20 -6.14
C ALA C 68 -13.34 15.46 -5.31
N ASP C 69 -12.89 14.43 -4.60
CA ASP C 69 -13.73 13.65 -3.68
C ASP C 69 -14.47 14.59 -2.70
N LEU C 70 -13.70 15.38 -1.96
CA LEU C 70 -14.26 16.26 -0.93
C LEU C 70 -15.13 17.38 -1.48
N SER C 71 -14.85 17.85 -2.70
CA SER C 71 -15.61 18.97 -3.29
C SER C 71 -17.08 18.67 -3.54
N HIS C 72 -17.45 17.39 -3.46
CA HIS C 72 -18.84 16.97 -3.70
C HIS C 72 -19.73 17.04 -2.46
N ILE C 73 -19.12 17.18 -1.27
CA ILE C 73 -19.88 17.20 -0.02
C ILE C 73 -20.71 18.49 0.07
N GLU C 74 -21.95 18.34 0.54
CA GLU C 74 -22.95 19.43 0.55
C GLU C 74 -22.72 20.50 1.63
N THR C 75 -21.47 20.97 1.74
CA THR C 75 -21.12 22.11 2.61
C THR C 75 -20.49 23.19 1.75
N LYS C 76 -20.34 24.38 2.31
CA LYS C 76 -19.94 25.55 1.53
C LYS C 76 -18.43 25.73 1.32
N ALA C 77 -17.62 24.98 2.07
CA ALA C 77 -16.17 25.12 1.96
C ALA C 77 -15.68 24.85 0.54
N ALA C 78 -15.01 25.84 -0.06
CA ALA C 78 -14.40 25.66 -1.36
C ALA C 78 -13.13 24.81 -1.21
N VAL C 79 -13.05 23.71 -1.94
CA VAL C 79 -11.92 22.78 -1.83
C VAL C 79 -11.04 22.81 -3.07
N LYS C 80 -9.73 22.92 -2.86
CA LYS C 80 -8.75 22.91 -3.95
C LYS C 80 -7.51 22.12 -3.54
N GLY C 81 -7.07 21.23 -4.42
CA GLY C 81 -5.88 20.42 -4.18
C GLY C 81 -4.66 21.01 -4.87
N TYR C 82 -3.54 21.04 -4.15
CA TYR C 82 -2.28 21.54 -4.70
C TYR C 82 -1.22 20.46 -4.59
N LEU C 83 -0.27 20.48 -5.52
CA LEU C 83 0.64 19.36 -5.72
C LEU C 83 2.05 19.86 -6.01
N GLY C 84 3.00 19.45 -5.16
CA GLY C 84 4.42 19.76 -5.36
C GLY C 84 4.81 21.16 -4.89
N PRO C 85 6.09 21.34 -4.50
CA PRO C 85 6.60 22.62 -3.94
C PRO C 85 6.22 23.88 -4.71
N GLU C 86 6.03 23.75 -6.02
CA GLU C 86 5.75 24.88 -6.90
C GLU C 86 4.38 25.51 -6.61
N GLN C 87 3.42 24.67 -6.22
CA GLN C 87 2.06 25.12 -5.95
C GLN C 87 1.80 25.42 -4.45
N LEU C 88 2.84 25.34 -3.65
CA LEU C 88 2.71 25.55 -2.20
C LEU C 88 2.38 27.00 -1.83
N PRO C 89 2.99 28.00 -2.51
CA PRO C 89 2.61 29.39 -2.27
C PRO C 89 1.13 29.70 -2.55
N ASP C 90 0.60 29.13 -3.63
CA ASP C 90 -0.82 29.31 -3.97
C ASP C 90 -1.74 28.65 -2.93
N CYS C 91 -1.31 27.52 -2.38
CA CYS C 91 -2.06 26.82 -1.33
C CYS C 91 -2.16 27.64 -0.05
N LEU C 92 -1.07 28.31 0.31
CA LEU C 92 -0.97 29.01 1.58
C LEU C 92 -1.46 30.46 1.54
N LYS C 93 -1.77 30.96 0.34
CA LYS C 93 -2.08 32.38 0.13
C LYS C 93 -3.34 32.80 0.87
N GLY C 94 -3.20 33.76 1.78
CA GLY C 94 -4.32 34.32 2.52
C GLY C 94 -4.92 33.40 3.58
N CYS C 95 -4.18 32.38 4.00
CA CYS C 95 -4.67 31.41 4.97
C CYS C 95 -4.80 32.00 6.38
N ASP C 96 -5.82 31.57 7.11
CA ASP C 96 -6.00 31.94 8.51
C ASP C 96 -5.41 30.88 9.42
N VAL C 97 -5.54 29.62 9.01
CA VAL C 97 -4.97 28.49 9.76
C VAL C 97 -4.26 27.54 8.82
N VAL C 98 -3.08 27.07 9.25
CA VAL C 98 -2.35 26.02 8.55
C VAL C 98 -2.16 24.85 9.51
N VAL C 99 -2.66 23.67 9.11
CA VAL C 99 -2.54 22.45 9.90
C VAL C 99 -1.57 21.54 9.16
N ILE C 100 -0.60 21.00 9.88
CA ILE C 100 0.49 20.22 9.27
C ILE C 100 0.53 18.80 9.85
N PRO C 101 -0.32 17.90 9.32
CA PRO C 101 -0.23 16.49 9.66
C PRO C 101 0.85 15.72 8.88
N ALA C 102 1.47 16.35 7.89
CA ALA C 102 2.55 15.73 7.12
C ALA C 102 3.61 15.13 8.03
N GLY C 103 4.14 13.97 7.64
CA GLY C 103 5.20 13.31 8.39
C GLY C 103 5.19 11.81 8.24
N VAL C 104 6.35 11.20 8.45
CA VAL C 104 6.45 9.73 8.47
C VAL C 104 5.88 9.23 9.79
N PRO C 105 5.00 8.22 9.74
CA PRO C 105 4.47 7.63 10.96
C PRO C 105 5.40 6.57 11.55
N ARG C 106 5.13 6.19 12.80
CA ARG C 106 5.94 5.18 13.50
C ARG C 106 5.54 3.75 13.13
N LYS C 107 6.52 2.85 13.16
CA LYS C 107 6.27 1.41 13.13
C LYS C 107 6.58 0.84 14.51
N PRO C 108 6.02 -0.34 14.84
CA PRO C 108 6.29 -0.95 16.15
C PRO C 108 7.79 -1.01 16.45
N GLY C 109 8.16 -0.56 17.65
CA GLY C 109 9.56 -0.53 18.07
C GLY C 109 10.24 0.82 17.91
N MET C 110 9.59 1.76 17.22
CA MET C 110 10.15 3.10 17.03
C MET C 110 9.74 4.03 18.16
N THR C 111 10.63 4.96 18.51
CA THR C 111 10.25 6.10 19.33
C THR C 111 9.88 7.24 18.40
N ARG C 112 9.22 8.26 18.93
CA ARG C 112 8.88 9.43 18.13
C ARG C 112 10.14 10.19 17.73
N ASP C 113 11.18 10.06 18.55
CA ASP C 113 12.46 10.70 18.27
C ASP C 113 13.19 10.05 17.09
N ASP C 114 12.91 8.78 16.82
CA ASP C 114 13.45 8.10 15.64
C ASP C 114 12.97 8.73 14.32
N LEU C 115 11.83 9.41 14.36
CA LEU C 115 11.27 10.10 13.20
C LEU C 115 11.87 11.48 12.98
N PHE C 116 12.70 11.93 13.92
CA PHE C 116 13.17 13.32 13.95
C PHE C 116 13.81 13.78 12.65
N ASN C 117 14.83 13.05 12.20
CA ASN C 117 15.60 13.48 11.03
C ASN C 117 14.74 13.67 9.77
N THR C 118 13.85 12.72 9.51
CA THR C 118 12.91 12.85 8.40
C THR C 118 11.92 14.00 8.59
N ASN C 119 11.18 13.96 9.70
CA ASN C 119 10.11 14.93 9.93
C ASN C 119 10.58 16.35 10.25
N ALA C 120 11.80 16.48 10.78
CA ALA C 120 12.39 17.80 11.02
C ALA C 120 12.63 18.54 9.70
N THR C 121 13.11 17.80 8.70
CA THR C 121 13.30 18.36 7.36
C THR C 121 11.98 18.74 6.72
N ILE C 122 10.99 17.86 6.83
CA ILE C 122 9.65 18.14 6.31
C ILE C 122 9.06 19.41 6.94
N VAL C 123 9.13 19.51 8.27
CA VAL C 123 8.54 20.64 8.99
C VAL C 123 9.26 21.95 8.68
N ALA C 124 10.59 21.92 8.70
CA ALA C 124 11.38 23.12 8.39
C ALA C 124 11.05 23.65 7.00
N THR C 125 10.91 22.76 6.03
CA THR C 125 10.56 23.15 4.67
C THR C 125 9.18 23.78 4.62
N LEU C 126 8.19 23.08 5.19
CA LEU C 126 6.80 23.55 5.12
C LEU C 126 6.57 24.85 5.88
N THR C 127 7.19 24.96 7.05
CA THR C 127 7.01 26.18 7.87
C THR C 127 7.74 27.38 7.26
N ALA C 128 8.89 27.15 6.64
CA ALA C 128 9.57 28.21 5.89
C ALA C 128 8.63 28.81 4.85
N ALA C 129 7.93 27.95 4.12
CA ALA C 129 6.93 28.39 3.14
C ALA C 129 5.80 29.17 3.79
N CYS C 130 5.35 28.70 4.97
CA CYS C 130 4.33 29.43 5.74
C CYS C 130 4.82 30.83 6.13
N ALA C 131 6.04 30.92 6.65
CA ALA C 131 6.64 32.20 7.02
C ALA C 131 6.77 33.14 5.83
N GLN C 132 7.04 32.59 4.65
CA GLN C 132 7.18 33.40 3.44
C GLN C 132 5.83 33.83 2.86
N HIS C 133 4.81 32.99 2.96
CA HIS C 133 3.56 33.19 2.21
C HIS C 133 2.29 33.42 3.03
N CYS C 134 2.28 33.01 4.29
CA CYS C 134 1.14 33.33 5.18
C CYS C 134 1.62 33.51 6.62
N PRO C 135 2.55 34.46 6.83
CA PRO C 135 3.22 34.63 8.13
C PRO C 135 2.30 34.99 9.29
N GLU C 136 1.11 35.50 9.00
CA GLU C 136 0.14 35.87 10.04
C GLU C 136 -0.85 34.75 10.37
N ALA C 137 -0.76 33.61 9.69
CA ALA C 137 -1.68 32.49 9.94
C ALA C 137 -1.37 31.77 11.24
N MET C 138 -2.36 31.08 11.78
CA MET C 138 -2.14 30.18 12.91
C MET C 138 -1.46 28.92 12.35
N ILE C 139 -0.36 28.50 12.97
CA ILE C 139 0.40 27.33 12.52
C ILE C 139 0.21 26.18 13.53
N CYS C 140 -0.46 25.12 13.08
CA CYS C 140 -0.73 23.94 13.93
C CYS C 140 0.05 22.72 13.43
N VAL C 141 1.03 22.29 14.20
CA VAL C 141 1.91 21.19 13.81
C VAL C 141 1.50 19.89 14.52
N ILE C 142 1.09 18.91 13.72
CA ILE C 142 0.82 17.55 14.21
C ILE C 142 2.04 16.64 14.06
N ALA C 143 2.94 16.99 13.13
CA ALA C 143 4.13 16.18 12.84
C ALA C 143 4.98 15.89 14.08
N ASN C 144 5.32 14.61 14.27
CA ASN C 144 6.15 14.19 15.39
C ASN C 144 7.63 14.12 15.03
N PRO C 145 8.51 14.28 16.04
CA PRO C 145 8.21 14.50 17.44
C PRO C 145 7.88 15.97 17.75
N VAL C 146 6.64 16.23 18.19
CA VAL C 146 6.16 17.58 18.48
C VAL C 146 7.08 18.36 19.44
N ASN C 147 7.69 17.66 20.39
CA ASN C 147 8.61 18.28 21.35
C ASN C 147 9.81 18.95 20.69
N SER C 148 10.18 18.48 19.49
CA SER C 148 11.25 19.09 18.71
C SER C 148 10.76 19.93 17.55
N THR C 149 9.65 19.53 16.91
CA THR C 149 9.20 20.17 15.67
C THR C 149 8.57 21.56 15.87
N ILE C 150 7.99 21.81 17.03
CA ILE C 150 7.52 23.17 17.35
C ILE C 150 8.70 24.14 17.52
N PRO C 151 9.74 23.75 18.27
CA PRO C 151 10.96 24.55 18.30
C PRO C 151 11.54 24.85 16.91
N ILE C 152 11.52 23.85 16.03
CA ILE C 152 11.95 24.03 14.65
C ILE C 152 11.09 25.10 13.96
N THR C 153 9.79 25.01 14.14
CA THR C 153 8.88 25.98 13.52
C THR C 153 9.17 27.40 14.01
N ALA C 154 9.31 27.55 15.32
CA ALA C 154 9.60 28.85 15.93
C ALA C 154 10.91 29.46 15.39
N GLU C 155 11.97 28.66 15.36
CA GLU C 155 13.27 29.14 14.87
C GLU C 155 13.22 29.51 13.40
N VAL C 156 12.51 28.72 12.59
CA VAL C 156 12.33 29.01 11.17
C VAL C 156 11.64 30.36 11.01
N PHE C 157 10.54 30.56 11.73
CA PHE C 157 9.82 31.84 11.71
C PHE C 157 10.69 33.01 12.16
N LYS C 158 11.49 32.81 13.21
CA LYS C 158 12.46 33.82 13.67
C LYS C 158 13.46 34.15 12.56
N LYS C 159 13.99 33.11 11.92
CA LYS C 159 14.94 33.26 10.82
C LYS C 159 14.36 34.11 9.66
N HIS C 160 13.03 34.13 9.54
CA HIS C 160 12.35 34.99 8.57
C HIS C 160 11.86 36.31 9.19
N GLY C 161 12.08 36.49 10.49
CA GLY C 161 11.74 37.72 11.18
C GLY C 161 10.24 37.97 11.30
N VAL C 162 9.46 36.89 11.36
CA VAL C 162 8.01 36.99 11.49
C VAL C 162 7.52 36.10 12.64
N TYR C 163 8.33 36.04 13.70
CA TYR C 163 8.04 35.18 14.84
C TYR C 163 6.93 35.78 15.71
N ASN C 164 5.85 35.01 15.88
CA ASN C 164 4.78 35.36 16.80
C ASN C 164 4.47 34.13 17.66
N PRO C 165 4.87 34.16 18.94
CA PRO C 165 4.69 33.00 19.81
C PRO C 165 3.21 32.67 20.12
N ASN C 166 2.33 33.64 19.89
CA ASN C 166 0.89 33.45 20.12
C ASN C 166 0.17 32.64 19.04
N LYS C 167 0.84 32.38 17.91
CA LYS C 167 0.20 31.75 16.75
C LYS C 167 0.79 30.39 16.33
N ILE C 168 1.70 29.84 17.14
CA ILE C 168 2.34 28.56 16.83
C ILE C 168 1.91 27.49 17.85
N PHE C 169 1.32 26.40 17.35
CA PHE C 169 0.71 25.39 18.21
C PHE C 169 1.15 23.96 17.86
N GLY C 170 1.73 23.27 18.84
CA GLY C 170 1.94 21.83 18.76
C GLY C 170 0.69 21.13 19.24
N VAL C 171 0.01 20.42 18.34
CA VAL C 171 -1.30 19.83 18.63
C VAL C 171 -1.15 18.58 19.50
N THR C 172 -1.38 18.74 20.80
CA THR C 172 -1.31 17.66 21.78
C THR C 172 -2.69 17.16 22.17
N THR C 173 -3.72 17.65 21.50
CA THR C 173 -5.12 17.40 21.85
C THR C 173 -5.47 15.91 21.98
N LEU C 174 -4.81 15.05 21.21
CA LEU C 174 -5.08 13.61 21.28
C LEU C 174 -4.82 13.03 22.67
N ASP C 175 -3.81 13.56 23.36
CA ASP C 175 -3.54 13.17 24.76
C ASP C 175 -4.74 13.47 25.67
N ILE C 176 -5.36 14.64 25.49
CA ILE C 176 -6.54 15.02 26.29
C ILE C 176 -7.73 14.13 25.95
N VAL C 177 -7.97 13.92 24.66
CA VAL C 177 -9.08 13.07 24.19
C VAL C 177 -8.95 11.66 24.77
N ARG C 178 -7.75 11.12 24.73
CA ARG C 178 -7.46 9.79 25.29
C ARG C 178 -7.70 9.76 26.80
N ALA C 179 -7.15 10.75 27.50
CA ALA C 179 -7.33 10.85 28.96
C ALA C 179 -8.80 10.90 29.33
N ASN C 180 -9.57 11.67 28.59
CA ASN C 180 -11.02 11.77 28.82
C ASN C 180 -11.71 10.42 28.65
N THR C 181 -11.34 9.70 27.59
CA THR C 181 -11.97 8.43 27.28
C THR C 181 -11.66 7.37 28.33
N PHE C 182 -10.40 7.32 28.77
CA PHE C 182 -9.98 6.29 29.73
C PHE C 182 -10.57 6.54 31.13
N VAL C 183 -10.51 7.79 31.58
CA VAL C 183 -11.15 8.18 32.84
C VAL C 183 -12.63 7.78 32.79
N ALA C 184 -13.30 8.16 31.71
CA ALA C 184 -14.73 7.90 31.55
C ALA C 184 -15.09 6.42 31.53
N GLU C 185 -14.20 5.60 30.96
CA GLU C 185 -14.41 4.15 30.92
C GLU C 185 -14.30 3.53 32.31
N LEU C 186 -13.30 3.95 33.07
CA LEU C 186 -13.09 3.44 34.43
C LEU C 186 -14.19 3.89 35.40
N LYS C 187 -14.72 5.09 35.18
CA LYS C 187 -15.71 5.69 36.08
C LYS C 187 -17.14 5.61 35.56
N GLY C 188 -17.37 4.90 34.45
CA GLY C 188 -18.71 4.73 33.89
C GLY C 188 -19.38 6.04 33.54
N LEU C 189 -18.61 6.97 32.98
CA LEU C 189 -19.13 8.30 32.64
C LEU C 189 -19.23 8.46 31.12
N ASP C 190 -19.93 9.50 30.69
CA ASP C 190 -19.95 9.89 29.29
C ASP C 190 -18.68 10.68 29.01
N PRO C 191 -17.79 10.17 28.13
CA PRO C 191 -16.52 10.86 27.87
C PRO C 191 -16.66 12.23 27.21
N ALA C 192 -17.80 12.50 26.60
CA ALA C 192 -18.07 13.82 26.02
C ALA C 192 -18.16 14.91 27.08
N ARG C 193 -18.57 14.53 28.30
CA ARG C 193 -18.67 15.46 29.42
C ARG C 193 -17.57 15.22 30.44
N VAL C 194 -16.38 14.85 29.97
CA VAL C 194 -15.21 14.68 30.81
C VAL C 194 -14.08 15.56 30.25
N ASN C 195 -13.29 16.13 31.15
CA ASN C 195 -12.20 17.01 30.78
C ASN C 195 -11.00 16.80 31.70
N VAL C 196 -9.91 16.28 31.13
CA VAL C 196 -8.68 16.02 31.86
C VAL C 196 -7.56 16.85 31.25
N PRO C 197 -7.05 17.84 31.98
CA PRO C 197 -5.89 18.58 31.48
C PRO C 197 -4.65 17.70 31.40
N VAL C 198 -3.95 17.74 30.26
CA VAL C 198 -2.67 17.07 30.12
C VAL C 198 -1.63 18.11 29.76
N ILE C 199 -0.47 18.04 30.41
CA ILE C 199 0.56 19.05 30.24
C ILE C 199 1.90 18.40 29.93
N GLY C 200 2.89 19.24 29.68
CA GLY C 200 4.26 18.80 29.42
C GLY C 200 4.55 18.82 27.93
N GLY C 201 4.67 17.64 27.35
CA GLY C 201 4.92 17.48 25.92
C GLY C 201 4.21 16.26 25.39
N HIS C 202 4.60 15.83 24.20
CA HIS C 202 3.99 14.64 23.59
C HIS C 202 5.05 13.60 23.21
N ALA C 203 5.58 12.93 24.23
CA ALA C 203 6.50 11.83 24.03
C ALA C 203 6.81 11.16 25.36
N GLY C 204 6.40 9.91 25.51
CA GLY C 204 6.75 9.11 26.68
C GLY C 204 6.37 9.75 28.01
N LYS C 205 7.36 9.95 28.88
CA LYS C 205 7.10 10.47 30.22
C LYS C 205 6.80 11.98 30.25
N THR C 206 7.04 12.69 29.15
CA THR C 206 6.70 14.11 29.08
C THR C 206 5.18 14.35 29.01
N ILE C 207 4.41 13.28 28.79
CA ILE C 207 2.96 13.36 28.81
C ILE C 207 2.49 13.26 30.26
N ILE C 208 1.91 14.34 30.78
CA ILE C 208 1.55 14.43 32.19
C ILE C 208 0.06 14.74 32.35
N PRO C 209 -0.79 13.70 32.49
CA PRO C 209 -2.21 13.92 32.71
C PRO C 209 -2.50 14.37 34.14
N LEU C 210 -3.16 15.52 34.28
CA LEU C 210 -3.52 16.06 35.58
C LEU C 210 -4.88 15.53 36.00
N ILE C 211 -4.88 14.31 36.53
CA ILE C 211 -6.12 13.67 36.97
C ILE C 211 -6.76 14.46 38.12
N SER C 212 -5.93 15.12 38.94
CA SER C 212 -6.40 15.95 40.06
C SER C 212 -7.26 17.13 39.61
N GLN C 213 -7.04 17.61 38.39
CA GLN C 213 -7.80 18.73 37.85
C GLN C 213 -8.96 18.30 36.95
N CYS C 214 -9.26 17.00 36.93
CA CYS C 214 -10.32 16.46 36.08
C CYS C 214 -11.70 16.97 36.50
N THR C 215 -12.55 17.22 35.51
CA THR C 215 -13.95 17.59 35.74
C THR C 215 -14.87 16.67 34.93
N PRO C 216 -15.87 16.04 35.57
CA PRO C 216 -16.20 16.13 36.99
C PRO C 216 -15.11 15.52 37.86
N LYS C 217 -15.11 15.89 39.15
CA LYS C 217 -14.08 15.45 40.08
C LYS C 217 -14.14 13.94 40.25
N VAL C 218 -12.99 13.29 40.25
CA VAL C 218 -12.90 11.83 40.35
C VAL C 218 -11.78 11.43 41.28
N ASP C 219 -12.01 10.34 42.01
CA ASP C 219 -11.01 9.80 42.94
C ASP C 219 -10.59 8.44 42.44
N PHE C 220 -9.29 8.23 42.34
CA PHE C 220 -8.74 6.94 41.94
C PHE C 220 -7.78 6.45 43.02
N PRO C 221 -7.88 5.16 43.41
CA PRO C 221 -6.84 4.63 44.28
C PRO C 221 -5.48 4.72 43.59
N GLN C 222 -4.42 4.83 44.39
CA GLN C 222 -3.09 5.17 43.89
C GLN C 222 -2.55 4.16 42.86
N ASP C 223 -2.90 2.88 43.02
CA ASP C 223 -2.47 1.85 42.07
C ASP C 223 -3.12 2.02 40.70
N GLN C 224 -4.41 2.38 40.69
CA GLN C 224 -5.14 2.63 39.45
C GLN C 224 -4.64 3.89 38.77
N LEU C 225 -4.29 4.90 39.57
CA LEU C 225 -3.83 6.18 39.04
C LEU C 225 -2.54 6.02 38.24
N THR C 226 -1.62 5.21 38.75
CA THR C 226 -0.36 4.92 38.06
C THR C 226 -0.59 4.11 36.78
N ALA C 227 -1.56 3.19 36.82
CA ALA C 227 -1.92 2.40 35.64
C ALA C 227 -2.60 3.29 34.61
N LEU C 228 -3.57 4.08 35.06
CA LEU C 228 -4.27 5.05 34.23
C LEU C 228 -3.29 6.03 33.58
N THR C 229 -2.33 6.49 34.36
CA THR C 229 -1.32 7.43 33.90
C THR C 229 -0.39 6.78 32.89
N GLY C 230 -0.03 5.52 33.13
CA GLY C 230 0.80 4.76 32.21
C GLY C 230 0.11 4.49 30.88
N ARG C 231 -1.18 4.18 30.95
CA ARG C 231 -1.98 3.90 29.76
C ARG C 231 -2.05 5.14 28.85
N ILE C 232 -2.29 6.29 29.46
CA ILE C 232 -2.38 7.56 28.74
C ILE C 232 -1.03 7.92 28.10
N GLN C 233 0.05 7.70 28.85
CA GLN C 233 1.39 8.02 28.35
C GLN C 233 1.82 7.19 27.14
N GLU C 234 1.45 5.91 27.12
CA GLU C 234 1.88 5.01 26.04
C GLU C 234 0.74 4.68 25.06
N ALA C 235 -0.35 5.43 25.11
CA ALA C 235 -1.52 5.14 24.27
C ALA C 235 -1.19 5.12 22.78
N GLY C 236 -0.34 6.04 22.34
CA GLY C 236 0.13 6.09 20.96
C GLY C 236 0.87 4.84 20.55
N THR C 237 1.72 4.34 21.44
CA THR C 237 2.48 3.11 21.19
C THR C 237 1.55 1.90 21.09
N GLU C 238 0.50 1.88 21.90
CA GLU C 238 -0.44 0.77 21.90
C GLU C 238 -1.18 0.66 20.57
N VAL C 239 -1.53 1.81 19.98
CA VAL C 239 -2.17 1.83 18.66
C VAL C 239 -1.19 1.41 17.55
N VAL C 240 0.07 1.83 17.67
CA VAL C 240 1.10 1.42 16.71
C VAL C 240 1.24 -0.10 16.71
N LYS C 241 1.30 -0.69 17.90
CA LYS C 241 1.42 -2.14 18.04
C LYS C 241 0.16 -2.84 17.54
N ALA C 242 -1.00 -2.29 17.87
CA ALA C 242 -2.27 -2.86 17.42
C ALA C 242 -2.43 -2.82 15.89
N LYS C 243 -1.80 -1.85 15.23
CA LYS C 243 -1.79 -1.78 13.75
C LYS C 243 -0.66 -2.64 13.14
N ALA C 244 0.27 -3.09 13.99
CA ALA C 244 1.28 -4.09 13.64
C ALA C 244 2.03 -3.80 12.34
N GLY C 245 2.50 -2.56 12.22
CA GLY C 245 3.28 -2.15 11.06
C GLY C 245 2.53 -1.29 10.06
N ALA C 246 1.20 -1.28 10.13
CA ALA C 246 0.39 -0.49 9.20
C ALA C 246 0.21 0.96 9.66
N GLY C 247 1.17 1.47 10.43
CA GLY C 247 1.20 2.89 10.81
C GLY C 247 0.80 3.16 12.25
N SER C 248 0.55 4.43 12.54
CA SER C 248 0.14 4.88 13.86
C SER C 248 -1.28 5.42 13.79
N ALA C 249 -1.76 5.97 14.91
CA ALA C 249 -3.10 6.55 14.99
C ALA C 249 -3.35 7.52 13.84
N THR C 250 -4.48 7.34 13.15
CA THR C 250 -4.85 8.19 12.03
C THR C 250 -6.21 8.84 12.25
N LEU C 251 -7.21 8.02 12.57
CA LEU C 251 -8.59 8.48 12.68
C LEU C 251 -8.84 9.29 13.95
N SER C 252 -8.28 8.84 15.07
CA SER C 252 -8.37 9.57 16.34
C SER C 252 -7.54 10.85 16.27
N MET C 253 -6.40 10.79 15.58
CA MET C 253 -5.56 11.96 15.37
C MET C 253 -6.29 12.99 14.51
N ALA C 254 -7.00 12.52 13.49
CA ALA C 254 -7.82 13.40 12.67
C ALA C 254 -8.90 14.08 13.51
N TYR C 255 -9.60 13.28 14.31
CA TYR C 255 -10.60 13.80 15.24
C TYR C 255 -9.99 14.86 16.17
N ALA C 256 -8.83 14.58 16.73
CA ALA C 256 -8.16 15.50 17.66
C ALA C 256 -7.64 16.75 16.95
N GLY C 257 -7.05 16.57 15.76
CA GLY C 257 -6.61 17.69 14.93
C GLY C 257 -7.76 18.61 14.59
N ALA C 258 -8.90 18.02 14.22
CA ALA C 258 -10.09 18.77 13.84
C ALA C 258 -10.67 19.54 15.03
N ARG C 259 -10.77 18.87 16.18
CA ARG C 259 -11.23 19.53 17.41
C ARG C 259 -10.42 20.79 17.70
N PHE C 260 -9.08 20.68 17.65
CA PHE C 260 -8.22 21.82 17.95
C PHE C 260 -8.39 22.95 16.94
N VAL C 261 -8.50 22.61 15.65
CA VAL C 261 -8.70 23.62 14.61
C VAL C 261 -10.06 24.31 14.79
N PHE C 262 -11.10 23.54 15.14
CA PHE C 262 -12.42 24.13 15.38
C PHE C 262 -12.43 25.08 16.58
N SER C 263 -11.78 24.67 17.66
CA SER C 263 -11.63 25.52 18.84
C SER C 263 -10.97 26.84 18.46
N LEU C 264 -9.86 26.73 17.74
CA LEU C 264 -9.08 27.89 17.33
C LEU C 264 -9.84 28.79 16.36
N VAL C 265 -10.63 28.21 15.48
CA VAL C 265 -11.44 28.98 14.53
C VAL C 265 -12.64 29.64 15.24
N ASP C 266 -13.28 28.90 16.14
CA ASP C 266 -14.35 29.48 16.97
C ASP C 266 -13.85 30.74 17.69
N ALA C 267 -12.71 30.61 18.37
CA ALA C 267 -12.13 31.72 19.12
C ALA C 267 -11.79 32.91 18.22
N MET C 268 -11.35 32.64 17.00
CA MET C 268 -11.05 33.69 16.04
C MET C 268 -12.30 34.45 15.57
N ASN C 269 -13.45 33.77 15.62
CA ASN C 269 -14.75 34.43 15.37
C ASN C 269 -15.35 35.04 16.64
N GLY C 270 -14.55 35.16 17.69
CA GLY C 270 -14.96 35.84 18.91
C GLY C 270 -15.67 34.98 19.93
N LYS C 271 -15.69 33.66 19.74
CA LYS C 271 -16.27 32.79 20.73
C LYS C 271 -15.42 32.80 21.99
N GLU C 272 -16.07 32.93 23.14
CA GLU C 272 -15.39 33.15 24.40
C GLU C 272 -15.35 31.87 25.21
N GLY C 273 -14.26 31.68 25.95
CA GLY C 273 -14.14 30.57 26.90
C GLY C 273 -13.62 29.30 26.27
N VAL C 274 -12.99 29.42 25.11
CA VAL C 274 -12.43 28.26 24.41
C VAL C 274 -11.04 27.98 24.98
N VAL C 275 -10.90 26.80 25.59
CA VAL C 275 -9.66 26.41 26.25
C VAL C 275 -9.17 25.09 25.66
N GLU C 276 -7.91 25.07 25.25
CA GLU C 276 -7.26 23.84 24.77
C GLU C 276 -5.83 23.80 25.27
N CYS C 277 -5.38 22.62 25.66
CA CYS C 277 -3.97 22.41 25.94
C CYS C 277 -3.23 22.34 24.61
N SER C 278 -2.04 22.90 24.57
CA SER C 278 -1.21 22.85 23.37
C SER C 278 0.25 23.13 23.70
N PHE C 279 1.15 22.46 22.98
CA PHE C 279 2.59 22.66 23.16
C PHE C 279 3.01 23.96 22.49
N VAL C 280 3.28 24.98 23.31
CA VAL C 280 3.58 26.32 22.80
C VAL C 280 4.82 26.91 23.49
N LYS C 281 5.32 28.01 22.91
CA LYS C 281 6.36 28.81 23.53
C LYS C 281 5.83 29.25 24.89
N SER C 282 6.61 29.01 25.95
CA SER C 282 6.10 29.14 27.31
C SER C 282 7.14 29.69 28.28
N GLN C 283 6.65 30.46 29.25
CA GLN C 283 7.46 30.93 30.38
C GLN C 283 6.87 30.42 31.68
N GLU C 284 6.24 29.25 31.63
CA GLU C 284 5.59 28.64 32.80
C GLU C 284 6.55 27.73 33.57
N THR C 285 7.59 27.24 32.89
CA THR C 285 8.56 26.32 33.46
C THR C 285 9.98 26.70 33.06
N GLU C 286 10.94 25.85 33.43
CA GLU C 286 12.32 25.97 32.97
C GLU C 286 12.44 25.76 31.45
N CYS C 287 11.48 25.04 30.86
CA CYS C 287 11.47 24.77 29.42
C CYS C 287 11.01 25.99 28.62
N THR C 288 11.68 26.23 27.48
CA THR C 288 11.26 27.28 26.54
C THR C 288 9.88 26.99 25.96
N TYR C 289 9.58 25.71 25.80
CA TYR C 289 8.30 25.26 25.24
C TYR C 289 7.66 24.27 26.19
N PHE C 290 6.34 24.35 26.33
CA PHE C 290 5.61 23.54 27.29
C PHE C 290 4.13 23.56 26.93
N SER C 291 3.43 22.47 27.26
CA SER C 291 2.00 22.40 27.03
C SER C 291 1.23 22.65 28.32
N THR C 292 0.32 23.60 28.28
CA THR C 292 -0.60 23.89 29.38
C THR C 292 -1.93 24.31 28.76
N PRO C 293 -3.00 24.32 29.56
CA PRO C 293 -4.26 24.85 29.04
C PRO C 293 -4.10 26.29 28.59
N LEU C 294 -4.58 26.60 27.39
CA LEU C 294 -4.52 27.94 26.83
C LEU C 294 -5.93 28.43 26.59
N LEU C 295 -6.18 29.69 26.94
CA LEU C 295 -7.40 30.38 26.52
C LEU C 295 -7.10 30.95 25.14
N LEU C 296 -7.92 30.59 24.16
CA LEU C 296 -7.70 31.00 22.79
C LEU C 296 -8.57 32.22 22.46
N GLY C 297 -8.05 33.10 21.60
CA GLY C 297 -8.78 34.30 21.19
C GLY C 297 -8.52 34.65 19.74
N LYS C 298 -8.87 35.87 19.37
CA LYS C 298 -8.67 36.37 18.00
C LYS C 298 -7.20 36.43 17.62
N LYS C 299 -6.34 36.74 18.58
CA LYS C 299 -4.90 36.80 18.37
C LYS C 299 -4.20 35.45 18.45
N GLY C 300 -4.97 34.38 18.69
CA GLY C 300 -4.41 33.06 18.95
C GLY C 300 -4.43 32.78 20.44
N ILE C 301 -3.25 32.77 21.06
CA ILE C 301 -3.14 32.58 22.50
C ILE C 301 -3.57 33.87 23.21
N GLU C 302 -4.77 33.86 23.77
CA GLU C 302 -5.28 34.99 24.55
C GLU C 302 -4.55 35.02 25.89
N LYS C 303 -4.53 33.88 26.57
CA LYS C 303 -3.83 33.75 27.84
C LYS C 303 -3.40 32.32 28.10
N ASN C 304 -2.14 32.15 28.47
CA ASN C 304 -1.64 30.87 28.97
C ASN C 304 -2.17 30.69 30.38
N LEU C 305 -2.98 29.66 30.59
CA LEU C 305 -3.63 29.46 31.88
C LEU C 305 -2.73 28.74 32.89
N GLY C 306 -1.56 28.26 32.44
CA GLY C 306 -0.56 27.69 33.34
C GLY C 306 -0.88 26.31 33.90
N ILE C 307 0.07 25.78 34.66
CA ILE C 307 -0.04 24.44 35.24
C ILE C 307 -1.11 24.37 36.33
N GLY C 308 -1.13 25.38 37.21
CA GLY C 308 -2.08 25.41 38.31
C GLY C 308 -1.69 24.51 39.48
N LYS C 309 -2.62 24.34 40.40
CA LYS C 309 -2.42 23.50 41.59
C LYS C 309 -2.42 22.03 41.20
N VAL C 310 -1.34 21.33 41.53
CA VAL C 310 -1.19 19.90 41.20
C VAL C 310 -0.78 19.09 42.44
N SER C 311 -1.01 17.78 42.38
CA SER C 311 -0.62 16.88 43.47
C SER C 311 0.88 16.62 43.48
N SER C 312 1.35 16.00 44.55
CA SER C 312 2.75 15.62 44.67
C SER C 312 3.17 14.63 43.57
N PHE C 313 2.28 13.70 43.25
CA PHE C 313 2.50 12.76 42.15
C PHE C 313 2.71 13.52 40.84
N GLU C 314 1.81 14.43 40.54
CA GLU C 314 1.86 15.21 39.30
C GLU C 314 3.08 16.13 39.27
N GLU C 315 3.45 16.71 40.41
CA GLU C 315 4.66 17.52 40.55
C GLU C 315 5.92 16.70 40.26
N LYS C 316 5.94 15.44 40.72
CA LYS C 316 7.06 14.54 40.51
C LYS C 316 7.27 14.28 39.01
N MET C 317 6.16 14.00 38.31
CA MET C 317 6.18 13.77 36.87
C MET C 317 6.70 14.98 36.10
N ILE C 318 6.23 16.18 36.48
CA ILE C 318 6.72 17.43 35.89
C ILE C 318 8.23 17.54 36.07
N SER C 319 8.71 17.24 37.28
CA SER C 319 10.14 17.30 37.58
C SER C 319 10.95 16.31 36.74
N ASP C 320 10.44 15.08 36.62
CA ASP C 320 11.11 14.02 35.84
C ASP C 320 11.12 14.32 34.34
N ALA C 321 10.11 15.04 33.86
CA ALA C 321 9.93 15.28 32.43
C ALA C 321 10.84 16.38 31.87
N ILE C 322 11.08 17.42 32.68
CA ILE C 322 11.80 18.61 32.21
C ILE C 322 13.14 18.33 31.50
N PRO C 323 13.97 17.42 32.04
CA PRO C 323 15.23 17.08 31.35
C PRO C 323 15.06 16.59 29.91
N GLU C 324 14.06 15.74 29.68
CA GLU C 324 13.78 15.21 28.34
C GLU C 324 13.26 16.30 27.40
N LEU C 325 12.34 17.13 27.90
CA LEU C 325 11.77 18.24 27.12
C LEU C 325 12.85 19.21 26.63
N LYS C 326 13.76 19.59 27.52
CA LYS C 326 14.85 20.50 27.16
C LYS C 326 15.73 19.92 26.07
N ALA C 327 16.02 18.62 26.17
CA ALA C 327 16.82 17.92 25.17
C ALA C 327 16.15 17.94 23.80
N SER C 328 14.85 17.65 23.76
CA SER C 328 14.08 17.69 22.51
C SER C 328 14.03 19.11 21.94
N ILE C 329 13.83 20.09 22.82
CA ILE C 329 13.80 21.51 22.42
C ILE C 329 15.13 21.92 21.79
N LYS C 330 16.25 21.69 22.50
CA LYS C 330 17.57 22.08 21.99
C LYS C 330 17.89 21.34 20.68
N LYS C 331 17.53 20.07 20.61
CA LYS C 331 17.72 19.26 19.39
C LYS C 331 17.11 19.95 18.16
N GLY C 332 15.86 20.40 18.29
CA GLY C 332 15.18 21.10 17.20
C GLY C 332 15.78 22.45 16.87
N GLU C 333 16.21 23.17 17.90
CA GLU C 333 16.89 24.45 17.70
C GLU C 333 18.22 24.26 16.99
N ASP C 334 18.99 23.26 17.42
CA ASP C 334 20.28 22.92 16.79
C ASP C 334 20.11 22.56 15.31
N PHE C 335 19.02 21.87 14.98
CA PHE C 335 18.75 21.45 13.60
C PHE C 335 18.59 22.64 12.66
N VAL C 336 17.84 23.65 13.09
CA VAL C 336 17.59 24.85 12.28
C VAL C 336 18.85 25.72 12.18
N LYS C 337 19.67 25.69 13.22
CA LYS C 337 20.89 26.50 13.28
C LYS C 337 22.00 26.02 12.34
N THR C 338 21.81 24.87 11.69
CA THR C 338 22.79 24.35 10.73
C THR C 338 22.16 24.07 9.35
N LEU C 339 21.21 24.91 8.94
CA LEU C 339 20.60 24.79 7.62
C LEU C 339 21.30 25.70 6.62
N ASN D 26 -28.75 4.49 21.53
CA ASN D 26 -29.21 3.08 21.71
C ASN D 26 -28.82 2.12 20.58
N ALA D 27 -28.53 2.66 19.39
CA ALA D 27 -28.30 1.82 18.21
C ALA D 27 -26.96 1.07 18.24
N LYS D 28 -27.00 -0.21 17.86
CA LYS D 28 -25.79 -0.96 17.56
C LYS D 28 -25.61 -1.04 16.04
N VAL D 29 -24.49 -0.51 15.56
CA VAL D 29 -24.19 -0.48 14.13
C VAL D 29 -22.96 -1.31 13.82
N ALA D 30 -23.08 -2.22 12.85
CA ALA D 30 -21.95 -2.97 12.32
C ALA D 30 -21.52 -2.38 10.98
N VAL D 31 -20.21 -2.28 10.77
CA VAL D 31 -19.65 -1.82 9.50
C VAL D 31 -18.86 -2.96 8.88
N LEU D 32 -19.37 -3.50 7.77
CA LEU D 32 -18.73 -4.60 7.07
C LEU D 32 -17.86 -4.04 5.95
N GLY D 33 -16.55 -4.21 6.09
CA GLY D 33 -15.57 -3.55 5.23
C GLY D 33 -14.98 -2.30 5.88
N ALA D 34 -14.79 -2.36 7.20
CA ALA D 34 -14.40 -1.19 8.01
C ALA D 34 -12.95 -0.74 7.86
N SER D 35 -12.10 -1.59 7.29
CA SER D 35 -10.69 -1.25 7.10
C SER D 35 -10.42 -0.60 5.74
N GLY D 36 -11.41 -0.65 4.85
CA GLY D 36 -11.26 -0.13 3.49
C GLY D 36 -11.25 1.38 3.44
N GLY D 37 -11.16 1.92 2.23
CA GLY D 37 -11.07 3.35 2.00
C GLY D 37 -12.34 4.11 2.39
N ILE D 38 -13.49 3.49 2.20
CA ILE D 38 -14.75 4.07 2.64
C ILE D 38 -14.99 3.74 4.11
N GLY D 39 -14.65 2.51 4.47
CA GLY D 39 -14.93 1.96 5.80
C GLY D 39 -14.33 2.72 6.97
N GLN D 40 -13.07 3.13 6.84
CA GLN D 40 -12.38 3.81 7.95
C GLN D 40 -12.97 5.20 8.25
N PRO D 41 -13.08 6.07 7.23
CA PRO D 41 -13.73 7.36 7.51
C PRO D 41 -15.20 7.22 7.88
N LEU D 42 -15.90 6.25 7.30
CA LEU D 42 -17.29 6.02 7.65
C LEU D 42 -17.41 5.61 9.12
N SER D 43 -16.50 4.73 9.56
CA SER D 43 -16.45 4.32 10.96
C SER D 43 -16.12 5.49 11.90
N LEU D 44 -15.26 6.39 11.45
CA LEU D 44 -14.95 7.61 12.19
C LEU D 44 -16.20 8.48 12.40
N LEU D 45 -16.95 8.71 11.33
CA LEU D 45 -18.17 9.52 11.41
C LEU D 45 -19.23 8.91 12.33
N LEU D 46 -19.39 7.60 12.26
CA LEU D 46 -20.33 6.88 13.13
C LEU D 46 -19.90 6.92 14.60
N LYS D 47 -18.61 6.74 14.84
CA LYS D 47 -18.05 6.83 16.20
C LYS D 47 -18.34 8.19 16.85
N ASN D 48 -18.34 9.25 16.04
CA ASN D 48 -18.55 10.61 16.53
C ASN D 48 -20.01 10.97 16.84
N SER D 49 -20.95 10.06 16.57
CA SER D 49 -22.38 10.36 16.66
C SER D 49 -23.02 9.98 18.00
N PRO D 50 -23.88 10.85 18.57
CA PRO D 50 -24.58 10.51 19.82
C PRO D 50 -25.60 9.38 19.65
N LEU D 51 -25.99 9.11 18.41
CA LEU D 51 -27.02 8.12 18.11
C LEU D 51 -26.53 6.67 18.29
N VAL D 52 -25.21 6.47 18.23
CA VAL D 52 -24.62 5.13 18.25
C VAL D 52 -24.08 4.77 19.63
N SER D 53 -24.52 3.64 20.16
CA SER D 53 -24.05 3.12 21.46
C SER D 53 -22.94 2.09 21.30
N ARG D 54 -23.02 1.28 20.25
CA ARG D 54 -22.03 0.23 20.01
C ARG D 54 -21.66 0.17 18.52
N LEU D 55 -20.36 0.13 18.26
CA LEU D 55 -19.84 0.13 16.88
C LEU D 55 -18.93 -1.06 16.66
N THR D 56 -19.46 -2.08 15.99
CA THR D 56 -18.65 -3.25 15.67
C THR D 56 -18.12 -3.12 14.23
N LEU D 57 -16.84 -3.42 14.07
CA LEU D 57 -16.14 -3.24 12.80
C LEU D 57 -15.68 -4.59 12.29
N TYR D 58 -15.96 -4.86 11.02
CA TYR D 58 -15.57 -6.14 10.42
C TYR D 58 -14.75 -5.96 9.16
N ASP D 59 -13.68 -6.75 9.05
CA ASP D 59 -12.93 -6.88 7.81
C ASP D 59 -12.08 -8.15 7.83
N ILE D 60 -11.34 -8.37 6.76
CA ILE D 60 -10.44 -9.53 6.65
C ILE D 60 -9.00 -9.15 6.98
N ALA D 61 -8.75 -7.87 7.21
CA ALA D 61 -7.45 -7.37 7.66
C ALA D 61 -7.58 -6.04 8.38
N HIS D 62 -6.66 -5.78 9.30
CA HIS D 62 -6.46 -4.46 9.94
C HIS D 62 -7.53 -3.96 10.93
N THR D 63 -8.64 -4.68 11.09
CA THR D 63 -9.73 -4.22 11.96
C THR D 63 -9.34 -3.94 13.42
N PRO D 64 -8.49 -4.81 14.02
CA PRO D 64 -8.08 -4.56 15.41
C PRO D 64 -7.37 -3.22 15.60
N GLY D 65 -6.53 -2.84 14.65
CA GLY D 65 -5.83 -1.55 14.70
C GLY D 65 -6.75 -0.37 14.46
N VAL D 66 -7.74 -0.56 13.59
CA VAL D 66 -8.75 0.46 13.31
C VAL D 66 -9.65 0.68 14.53
N ALA D 67 -10.10 -0.41 15.14
CA ALA D 67 -10.96 -0.33 16.33
C ALA D 67 -10.23 0.32 17.50
N ALA D 68 -8.96 -0.04 17.69
CA ALA D 68 -8.14 0.53 18.76
C ALA D 68 -7.89 2.03 18.56
N ASP D 69 -7.63 2.42 17.31
CA ASP D 69 -7.50 3.81 16.91
C ASP D 69 -8.76 4.59 17.32
N LEU D 70 -9.91 4.12 16.87
CA LEU D 70 -11.19 4.80 17.10
C LEU D 70 -11.67 4.78 18.55
N SER D 71 -11.29 3.74 19.30
CA SER D 71 -11.75 3.58 20.69
C SER D 71 -11.18 4.63 21.63
N HIS D 72 -10.16 5.35 21.17
CA HIS D 72 -9.56 6.44 21.94
C HIS D 72 -10.35 7.75 21.85
N ILE D 73 -11.31 7.83 20.92
CA ILE D 73 -12.12 9.04 20.71
C ILE D 73 -13.16 9.22 21.82
N GLU D 74 -13.33 10.47 22.26
CA GLU D 74 -14.10 10.81 23.47
C GLU D 74 -15.62 10.84 23.26
N THR D 75 -16.16 9.73 22.76
CA THR D 75 -17.61 9.57 22.59
C THR D 75 -18.04 8.25 23.21
N LYS D 76 -19.34 8.08 23.38
CA LYS D 76 -19.86 6.95 24.17
C LYS D 76 -19.82 5.60 23.44
N ALA D 77 -19.88 5.62 22.11
CA ALA D 77 -19.93 4.37 21.34
C ALA D 77 -18.77 3.45 21.69
N ALA D 78 -19.08 2.24 22.13
CA ALA D 78 -18.07 1.23 22.41
C ALA D 78 -17.70 0.54 21.10
N VAL D 79 -16.40 0.51 20.79
CA VAL D 79 -15.91 0.03 19.50
C VAL D 79 -15.15 -1.29 19.66
N LYS D 80 -15.41 -2.23 18.76
CA LYS D 80 -14.67 -3.49 18.71
C LYS D 80 -14.45 -3.95 17.27
N GLY D 81 -13.24 -4.44 16.99
CA GLY D 81 -12.85 -4.91 15.67
C GLY D 81 -12.83 -6.42 15.59
N TYR D 82 -13.44 -6.96 14.54
CA TYR D 82 -13.46 -8.41 14.30
C TYR D 82 -12.74 -8.72 13.00
N LEU D 83 -12.17 -9.91 12.93
CA LEU D 83 -11.23 -10.26 11.88
C LEU D 83 -11.50 -11.69 11.38
N GLY D 84 -11.90 -11.80 10.11
CA GLY D 84 -12.14 -13.10 9.47
C GLY D 84 -13.54 -13.64 9.66
N PRO D 85 -14.01 -14.50 8.73
CA PRO D 85 -15.40 -14.97 8.70
C PRO D 85 -15.87 -15.68 9.98
N GLU D 86 -14.95 -16.32 10.70
CA GLU D 86 -15.30 -17.03 11.93
C GLU D 86 -15.83 -16.08 13.00
N GLN D 87 -15.37 -14.82 12.97
CA GLN D 87 -15.78 -13.81 13.93
C GLN D 87 -16.95 -12.94 13.46
N LEU D 88 -17.45 -13.22 12.26
CA LEU D 88 -18.53 -12.41 11.69
C LEU D 88 -19.85 -12.54 12.47
N PRO D 89 -20.19 -13.76 12.94
CA PRO D 89 -21.39 -13.92 13.78
C PRO D 89 -21.38 -13.07 15.05
N ASP D 90 -20.24 -13.03 15.74
CA ASP D 90 -20.08 -12.18 16.92
C ASP D 90 -20.29 -10.70 16.58
N CYS D 91 -19.70 -10.27 15.46
CA CYS D 91 -19.84 -8.89 15.00
C CYS D 91 -21.30 -8.49 14.75
N LEU D 92 -22.11 -9.43 14.26
CA LEU D 92 -23.48 -9.13 13.82
C LEU D 92 -24.57 -9.25 14.90
N LYS D 93 -24.33 -10.05 15.94
CA LYS D 93 -25.36 -10.31 16.97
C LYS D 93 -25.93 -9.04 17.59
N GLY D 94 -27.25 -8.90 17.56
CA GLY D 94 -27.94 -7.77 18.18
C GLY D 94 -27.89 -6.46 17.41
N CYS D 95 -27.39 -6.49 16.17
CA CYS D 95 -27.25 -5.26 15.38
C CYS D 95 -28.59 -4.67 15.02
N ASP D 96 -28.68 -3.35 15.11
CA ASP D 96 -29.87 -2.61 14.67
C ASP D 96 -29.69 -2.17 13.21
N VAL D 97 -28.47 -1.78 12.87
CA VAL D 97 -28.13 -1.36 11.51
C VAL D 97 -26.82 -1.99 11.07
N VAL D 98 -26.81 -2.55 9.86
CA VAL D 98 -25.59 -3.05 9.24
C VAL D 98 -25.29 -2.20 8.01
N VAL D 99 -24.09 -1.62 7.95
CA VAL D 99 -23.64 -0.85 6.80
C VAL D 99 -22.56 -1.64 6.07
N ILE D 100 -22.67 -1.72 4.75
CA ILE D 100 -21.78 -2.54 3.94
C ILE D 100 -21.06 -1.70 2.87
N PRO D 101 -20.01 -0.96 3.29
CA PRO D 101 -19.13 -0.30 2.34
C PRO D 101 -18.12 -1.26 1.69
N ALA D 102 -18.10 -2.52 2.11
CA ALA D 102 -17.16 -3.51 1.57
C ALA D 102 -17.25 -3.63 0.05
N GLY D 103 -16.12 -3.90 -0.58
CA GLY D 103 -16.07 -4.12 -2.03
C GLY D 103 -14.88 -3.45 -2.68
N VAL D 104 -14.61 -3.87 -3.91
CA VAL D 104 -13.49 -3.34 -4.70
C VAL D 104 -13.91 -2.02 -5.34
N PRO D 105 -13.03 -1.00 -5.32
CA PRO D 105 -13.31 0.27 -6.00
C PRO D 105 -12.90 0.25 -7.48
N ARG D 106 -13.38 1.23 -8.25
CA ARG D 106 -13.06 1.33 -9.67
C ARG D 106 -11.69 1.93 -9.93
N LYS D 107 -11.08 1.50 -11.03
CA LYS D 107 -9.88 2.13 -11.59
C LYS D 107 -10.30 2.86 -12.86
N PRO D 108 -9.52 3.86 -13.32
CA PRO D 108 -9.88 4.59 -14.53
C PRO D 108 -10.14 3.68 -15.72
N GLY D 109 -11.26 3.91 -16.41
CA GLY D 109 -11.71 3.06 -17.49
C GLY D 109 -12.85 2.14 -17.12
N MET D 110 -12.85 1.64 -15.89
CA MET D 110 -13.87 0.67 -15.47
C MET D 110 -15.26 1.27 -15.36
N THR D 111 -16.26 0.44 -15.62
CA THR D 111 -17.64 0.75 -15.29
C THR D 111 -17.95 0.06 -13.96
N ARG D 112 -19.08 0.39 -13.37
CA ARG D 112 -19.47 -0.20 -12.09
C ARG D 112 -19.77 -1.69 -12.25
N ASP D 113 -20.24 -2.09 -13.43
CA ASP D 113 -20.51 -3.51 -13.71
C ASP D 113 -19.24 -4.36 -13.82
N ASP D 114 -18.09 -3.73 -14.05
CA ASP D 114 -16.80 -4.45 -14.01
C ASP D 114 -16.48 -4.97 -12.60
N LEU D 115 -17.08 -4.34 -11.59
CA LEU D 115 -16.92 -4.75 -10.20
C LEU D 115 -17.93 -5.82 -9.80
N PHE D 116 -18.83 -6.17 -10.72
CA PHE D 116 -19.96 -7.02 -10.38
C PHE D 116 -19.52 -8.33 -9.76
N ASN D 117 -18.64 -9.05 -10.44
CA ASN D 117 -18.31 -10.41 -10.01
C ASN D 117 -17.77 -10.48 -8.58
N THR D 118 -16.84 -9.59 -8.25
CA THR D 118 -16.26 -9.56 -6.91
C THR D 118 -17.25 -9.04 -5.88
N ASN D 119 -17.86 -7.89 -6.16
CA ASN D 119 -18.74 -7.24 -5.19
C ASN D 119 -20.05 -8.01 -4.99
N ALA D 120 -20.51 -8.70 -6.03
CA ALA D 120 -21.66 -9.60 -5.89
C ALA D 120 -21.37 -10.73 -4.91
N THR D 121 -20.18 -11.34 -5.05
CA THR D 121 -19.77 -12.42 -4.16
CA THR D 121 -19.73 -12.42 -4.16
C THR D 121 -19.58 -11.92 -2.72
N ILE D 122 -19.01 -10.74 -2.56
CA ILE D 122 -18.86 -10.12 -1.24
C ILE D 122 -20.23 -9.87 -0.60
N VAL D 123 -21.13 -9.25 -1.35
CA VAL D 123 -22.45 -8.88 -0.82
C VAL D 123 -23.30 -10.11 -0.48
N ALA D 124 -23.28 -11.12 -1.34
CA ALA D 124 -24.06 -12.34 -1.09
C ALA D 124 -23.60 -13.06 0.17
N THR D 125 -22.28 -13.15 0.35
CA THR D 125 -21.69 -13.76 1.55
C THR D 125 -22.04 -12.97 2.81
N LEU D 126 -21.80 -11.66 2.79
CA LEU D 126 -22.02 -10.81 3.96
C LEU D 126 -23.50 -10.72 4.34
N THR D 127 -24.37 -10.55 3.35
CA THR D 127 -25.81 -10.46 3.61
C THR D 127 -26.40 -11.80 4.05
N ALA D 128 -25.77 -12.90 3.65
CA ALA D 128 -26.16 -14.24 4.13
C ALA D 128 -25.88 -14.38 5.63
N ALA D 129 -24.77 -13.79 6.09
CA ALA D 129 -24.45 -13.79 7.51
C ALA D 129 -25.42 -12.91 8.28
N CYS D 130 -25.83 -11.79 7.68
CA CYS D 130 -26.83 -10.92 8.28
C CYS D 130 -28.16 -11.65 8.44
N ALA D 131 -28.62 -12.30 7.38
CA ALA D 131 -29.88 -13.05 7.40
C ALA D 131 -29.89 -14.13 8.46
N GLN D 132 -28.72 -14.69 8.77
CA GLN D 132 -28.61 -15.71 9.81
C GLN D 132 -28.51 -15.13 11.21
N HIS D 133 -27.70 -14.08 11.38
CA HIS D 133 -27.30 -13.63 12.71
C HIS D 133 -27.93 -12.33 13.20
N CYS D 134 -28.45 -11.52 12.28
CA CYS D 134 -29.22 -10.34 12.66
C CYS D 134 -30.30 -10.05 11.63
N PRO D 135 -31.20 -11.03 11.40
CA PRO D 135 -32.26 -10.94 10.40
C PRO D 135 -33.15 -9.70 10.50
N GLU D 136 -33.30 -9.19 11.71
CA GLU D 136 -34.14 -8.03 11.98
C GLU D 136 -33.50 -6.68 11.65
N ALA D 137 -32.19 -6.65 11.46
CA ALA D 137 -31.45 -5.40 11.31
C ALA D 137 -31.74 -4.67 10.00
N MET D 138 -31.48 -3.36 9.98
CA MET D 138 -31.58 -2.55 8.76
C MET D 138 -30.30 -2.79 7.96
N ILE D 139 -30.46 -3.16 6.69
CA ILE D 139 -29.33 -3.46 5.83
C ILE D 139 -29.10 -2.30 4.85
N CYS D 140 -28.01 -1.58 5.05
CA CYS D 140 -27.63 -0.48 4.18
C CYS D 140 -26.45 -0.90 3.32
N VAL D 141 -26.69 -1.03 2.01
CA VAL D 141 -25.65 -1.49 1.08
C VAL D 141 -25.08 -0.33 0.28
N ILE D 142 -23.76 -0.16 0.41
CA ILE D 142 -23.01 0.84 -0.36
C ILE D 142 -22.27 0.17 -1.52
N ALA D 143 -21.96 -1.11 -1.40
CA ALA D 143 -21.22 -1.86 -2.43
C ALA D 143 -21.86 -1.76 -3.82
N ASN D 144 -21.05 -1.36 -4.79
CA ASN D 144 -21.51 -1.21 -6.17
C ASN D 144 -21.31 -2.48 -6.99
N PRO D 145 -22.09 -2.65 -8.07
CA PRO D 145 -23.16 -1.78 -8.55
C PRO D 145 -24.43 -1.97 -7.72
N VAL D 146 -24.93 -0.88 -7.14
CA VAL D 146 -26.11 -0.91 -6.27
C VAL D 146 -27.35 -1.46 -6.98
N ASN D 147 -27.48 -1.15 -8.27
CA ASN D 147 -28.61 -1.62 -9.06
C ASN D 147 -28.72 -3.15 -9.12
N SER D 148 -27.60 -3.84 -8.89
CA SER D 148 -27.59 -5.31 -8.81
C SER D 148 -27.45 -5.82 -7.38
N THR D 149 -26.62 -5.18 -6.56
CA THR D 149 -26.30 -5.70 -5.22
C THR D 149 -27.47 -5.66 -4.23
N ILE D 150 -28.45 -4.79 -4.47
CA ILE D 150 -29.67 -4.78 -3.65
C ILE D 150 -30.58 -5.95 -4.01
N PRO D 151 -30.88 -6.14 -5.31
CA PRO D 151 -31.56 -7.39 -5.69
C PRO D 151 -30.87 -8.63 -5.15
N ILE D 152 -29.54 -8.64 -5.16
CA ILE D 152 -28.78 -9.76 -4.56
C ILE D 152 -29.11 -9.91 -3.08
N THR D 153 -29.02 -8.80 -2.34
CA THR D 153 -29.31 -8.79 -0.91
C THR D 153 -30.71 -9.35 -0.62
N ALA D 154 -31.71 -8.84 -1.35
CA ALA D 154 -33.10 -9.26 -1.17
C ALA D 154 -33.26 -10.76 -1.41
N GLU D 155 -32.68 -11.28 -2.49
CA GLU D 155 -32.77 -12.70 -2.82
C GLU D 155 -32.11 -13.59 -1.78
N VAL D 156 -31.02 -13.12 -1.18
CA VAL D 156 -30.35 -13.87 -0.12
C VAL D 156 -31.27 -13.95 1.11
N PHE D 157 -31.92 -12.84 1.46
CA PHE D 157 -32.88 -12.83 2.58
C PHE D 157 -34.12 -13.68 2.28
N LYS D 158 -34.57 -13.69 1.04
CA LYS D 158 -35.67 -14.56 0.61
C LYS D 158 -35.31 -16.03 0.76
N LYS D 159 -34.12 -16.41 0.32
CA LYS D 159 -33.63 -17.79 0.43
C LYS D 159 -33.52 -18.29 1.87
N HIS D 160 -33.31 -17.39 2.82
CA HIS D 160 -33.29 -17.73 4.24
C HIS D 160 -34.68 -17.62 4.88
N GLY D 161 -35.67 -17.24 4.09
CA GLY D 161 -37.05 -17.11 4.57
C GLY D 161 -37.27 -15.97 5.55
N VAL D 162 -36.46 -14.92 5.43
CA VAL D 162 -36.46 -13.82 6.39
C VAL D 162 -36.78 -12.50 5.71
N TYR D 163 -37.85 -12.47 4.93
CA TYR D 163 -38.08 -11.35 4.04
C TYR D 163 -38.69 -10.13 4.72
N ASN D 164 -38.01 -8.99 4.58
CA ASN D 164 -38.57 -7.70 4.95
C ASN D 164 -38.05 -6.63 3.98
N PRO D 165 -38.83 -6.33 2.92
CA PRO D 165 -38.41 -5.34 1.94
C PRO D 165 -38.41 -3.90 2.46
N ASN D 166 -38.95 -3.68 3.66
CA ASN D 166 -38.93 -2.36 4.29
C ASN D 166 -37.63 -2.09 5.07
N LYS D 167 -36.70 -3.04 5.09
CA LYS D 167 -35.46 -2.92 5.85
C LYS D 167 -34.16 -3.02 5.02
N ILE D 168 -34.28 -3.16 3.70
CA ILE D 168 -33.13 -3.29 2.81
C ILE D 168 -32.97 -2.02 1.97
N PHE D 169 -31.83 -1.35 2.09
CA PHE D 169 -31.62 -0.04 1.47
C PHE D 169 -30.35 0.00 0.63
N GLY D 170 -30.49 0.42 -0.62
CA GLY D 170 -29.36 0.76 -1.47
C GLY D 170 -29.02 2.24 -1.29
N VAL D 171 -27.85 2.51 -0.74
CA VAL D 171 -27.49 3.87 -0.35
C VAL D 171 -27.10 4.70 -1.57
N THR D 172 -28.04 5.56 -2.00
CA THR D 172 -27.86 6.43 -3.16
C THR D 172 -27.68 7.89 -2.72
N THR D 173 -27.58 8.11 -1.42
CA THR D 173 -27.50 9.45 -0.83
C THR D 173 -26.45 10.35 -1.48
N LEU D 174 -25.31 9.78 -1.86
CA LEU D 174 -24.25 10.56 -2.49
C LEU D 174 -24.72 11.30 -3.76
N ASP D 175 -25.65 10.70 -4.49
CA ASP D 175 -26.25 11.36 -5.67
C ASP D 175 -27.01 12.63 -5.29
N ILE D 176 -27.74 12.56 -4.18
CA ILE D 176 -28.48 13.73 -3.66
C ILE D 176 -27.48 14.77 -3.18
N VAL D 177 -26.44 14.30 -2.47
CA VAL D 177 -25.41 15.18 -1.94
C VAL D 177 -24.71 15.93 -3.07
N ARG D 178 -24.35 15.21 -4.13
CA ARG D 178 -23.70 15.82 -5.30
C ARG D 178 -24.62 16.80 -6.02
N ALA D 179 -25.86 16.38 -6.29
CA ALA D 179 -26.86 17.25 -6.89
C ALA D 179 -27.01 18.56 -6.11
N ASN D 180 -27.12 18.45 -4.79
CA ASN D 180 -27.22 19.64 -3.94
C ASN D 180 -26.04 20.57 -4.14
N THR D 181 -24.83 20.02 -4.10
CA THR D 181 -23.62 20.81 -4.23
C THR D 181 -23.53 21.51 -5.60
N PHE D 182 -23.84 20.79 -6.67
CA PHE D 182 -23.68 21.33 -8.03
C PHE D 182 -24.71 22.42 -8.34
N VAL D 183 -25.96 22.22 -7.92
CA VAL D 183 -26.99 23.25 -8.06
C VAL D 183 -26.58 24.49 -7.26
N ALA D 184 -26.11 24.28 -6.04
CA ALA D 184 -25.70 25.36 -5.14
C ALA D 184 -24.55 26.18 -5.70
N GLU D 185 -23.57 25.51 -6.32
CA GLU D 185 -22.42 26.19 -6.92
C GLU D 185 -22.85 27.11 -8.08
N LEU D 186 -23.76 26.62 -8.92
CA LEU D 186 -24.23 27.36 -10.09
C LEU D 186 -25.11 28.55 -9.74
N LYS D 187 -25.93 28.41 -8.70
CA LYS D 187 -26.84 29.47 -8.28
C LYS D 187 -26.27 30.34 -7.15
N GLY D 188 -25.06 30.00 -6.68
CA GLY D 188 -24.41 30.76 -5.61
C GLY D 188 -25.13 30.61 -4.28
N LEU D 189 -25.62 29.42 -4.00
CA LEU D 189 -26.34 29.14 -2.75
C LEU D 189 -25.48 28.31 -1.79
N ASP D 190 -25.96 28.15 -0.57
CA ASP D 190 -25.33 27.26 0.40
C ASP D 190 -25.86 25.85 0.17
N PRO D 191 -24.98 24.89 -0.19
CA PRO D 191 -25.42 23.50 -0.44
C PRO D 191 -26.20 22.87 0.71
N ALA D 192 -25.91 23.29 1.95
CA ALA D 192 -26.62 22.80 3.14
C ALA D 192 -28.13 23.10 3.08
N ARG D 193 -28.49 24.23 2.46
CA ARG D 193 -29.90 24.63 2.35
C ARG D 193 -30.56 24.23 1.02
N VAL D 194 -29.87 23.44 0.21
CA VAL D 194 -30.44 22.97 -1.06
C VAL D 194 -30.84 21.49 -0.94
N ASN D 195 -31.97 21.14 -1.54
CA ASN D 195 -32.42 19.75 -1.60
C ASN D 195 -32.89 19.39 -3.02
N VAL D 196 -32.25 18.38 -3.60
CA VAL D 196 -32.62 17.90 -4.94
C VAL D 196 -32.94 16.41 -4.85
N PRO D 197 -34.23 16.06 -5.04
CA PRO D 197 -34.57 14.64 -5.15
C PRO D 197 -33.91 14.00 -6.36
N VAL D 198 -33.35 12.81 -6.16
CA VAL D 198 -32.74 12.04 -7.25
C VAL D 198 -33.34 10.64 -7.17
N ILE D 199 -33.83 10.15 -8.30
CA ILE D 199 -34.54 8.88 -8.34
C ILE D 199 -33.91 7.94 -9.36
N GLY D 200 -34.42 6.71 -9.43
CA GLY D 200 -33.95 5.71 -10.40
C GLY D 200 -33.03 4.70 -9.76
N GLY D 201 -31.76 4.71 -10.19
CA GLY D 201 -30.73 3.82 -9.64
C GLY D 201 -29.41 4.56 -9.56
N HIS D 202 -28.33 3.81 -9.35
CA HIS D 202 -26.99 4.39 -9.24
C HIS D 202 -26.01 3.79 -10.25
N ALA D 203 -26.17 4.22 -11.50
CA ALA D 203 -25.24 3.90 -12.59
C ALA D 203 -25.61 4.73 -13.82
N GLY D 204 -24.66 5.54 -14.29
CA GLY D 204 -24.81 6.31 -15.53
C GLY D 204 -26.15 7.00 -15.70
N LYS D 205 -26.92 6.53 -16.69
CA LYS D 205 -28.19 7.17 -17.05
C LYS D 205 -29.38 6.72 -16.19
N THR D 206 -29.16 5.78 -15.25
CA THR D 206 -30.21 5.44 -14.29
C THR D 206 -30.29 6.46 -13.15
N ILE D 207 -29.30 7.35 -13.06
CA ILE D 207 -29.30 8.43 -12.08
C ILE D 207 -30.11 9.59 -12.65
N ILE D 208 -31.29 9.83 -12.09
CA ILE D 208 -32.22 10.83 -12.60
C ILE D 208 -32.45 11.90 -11.54
N PRO D 209 -31.73 13.03 -11.63
CA PRO D 209 -31.99 14.13 -10.70
C PRO D 209 -33.20 14.97 -11.12
N LEU D 210 -34.15 15.14 -10.20
CA LEU D 210 -35.36 15.91 -10.47
C LEU D 210 -35.14 17.36 -10.08
N ILE D 211 -34.52 18.11 -10.99
CA ILE D 211 -34.22 19.52 -10.76
C ILE D 211 -35.51 20.35 -10.65
N SER D 212 -36.58 19.88 -11.28
CA SER D 212 -37.89 20.53 -11.19
C SER D 212 -38.43 20.54 -9.76
N GLN D 213 -38.09 19.51 -8.98
CA GLN D 213 -38.54 19.40 -7.59
C GLN D 213 -37.53 19.98 -6.60
N CYS D 214 -36.57 20.76 -7.09
CA CYS D 214 -35.53 21.32 -6.24
C CYS D 214 -36.07 22.39 -5.30
N THR D 215 -35.54 22.40 -4.08
CA THR D 215 -35.84 23.45 -3.11
C THR D 215 -34.51 24.08 -2.66
N PRO D 216 -34.38 25.42 -2.80
CA PRO D 216 -35.37 26.34 -3.35
C PRO D 216 -35.56 26.15 -4.87
N LYS D 217 -36.65 26.67 -5.40
CA LYS D 217 -36.91 26.65 -6.84
C LYS D 217 -35.74 27.29 -7.55
N VAL D 218 -35.28 26.64 -8.62
CA VAL D 218 -34.15 27.14 -9.42
C VAL D 218 -34.52 27.17 -10.90
N ASP D 219 -34.06 28.20 -11.60
CA ASP D 219 -34.37 28.41 -13.02
C ASP D 219 -33.13 28.13 -13.87
N PHE D 220 -33.14 27.00 -14.59
CA PHE D 220 -32.06 26.67 -15.52
C PHE D 220 -32.61 26.57 -16.94
N PRO D 221 -31.93 27.20 -17.92
CA PRO D 221 -32.30 26.93 -19.31
C PRO D 221 -31.88 25.51 -19.69
N GLN D 222 -32.43 24.99 -20.77
CA GLN D 222 -32.28 23.57 -21.13
C GLN D 222 -30.82 23.15 -21.32
N ASP D 223 -30.01 24.03 -21.92
CA ASP D 223 -28.60 23.73 -22.17
C ASP D 223 -27.81 23.56 -20.86
N GLN D 224 -28.06 24.45 -19.90
CA GLN D 224 -27.40 24.37 -18.59
C GLN D 224 -27.98 23.21 -17.78
N LEU D 225 -29.28 22.99 -17.91
CA LEU D 225 -29.95 21.88 -17.24
C LEU D 225 -29.36 20.53 -17.66
N THR D 226 -29.09 20.39 -18.95
CA THR D 226 -28.51 19.16 -19.50
C THR D 226 -27.08 18.96 -19.00
N ALA D 227 -26.28 20.02 -19.02
CA ALA D 227 -24.91 19.99 -18.49
C ALA D 227 -24.89 19.56 -17.02
N LEU D 228 -25.74 20.20 -16.22
CA LEU D 228 -25.85 19.93 -14.78
C LEU D 228 -26.25 18.48 -14.51
N THR D 229 -27.22 17.98 -15.27
CA THR D 229 -27.68 16.60 -15.13
C THR D 229 -26.58 15.59 -15.47
N GLY D 230 -25.90 15.80 -16.60
CA GLY D 230 -24.80 14.94 -17.02
C GLY D 230 -23.66 14.92 -16.01
N ARG D 231 -23.39 16.08 -15.41
CA ARG D 231 -22.39 16.19 -14.36
C ARG D 231 -22.74 15.32 -13.16
N ILE D 232 -24.00 15.36 -12.75
CA ILE D 232 -24.47 14.56 -11.62
C ILE D 232 -24.35 13.07 -11.96
N GLN D 233 -24.71 12.71 -13.19
CA GLN D 233 -24.68 11.32 -13.62
C GLN D 233 -23.27 10.73 -13.69
N GLU D 234 -22.28 11.54 -14.07
CA GLU D 234 -20.91 11.08 -14.25
C GLU D 234 -19.98 11.46 -13.10
N ALA D 235 -20.55 12.02 -12.02
CA ALA D 235 -19.76 12.53 -10.90
C ALA D 235 -18.79 11.49 -10.31
N GLY D 236 -19.27 10.26 -10.11
CA GLY D 236 -18.43 9.17 -9.60
C GLY D 236 -17.26 8.83 -10.52
N THR D 237 -17.52 8.86 -11.83
CA THR D 237 -16.49 8.64 -12.84
C THR D 237 -15.43 9.75 -12.83
N GLU D 238 -15.86 10.99 -12.59
CA GLU D 238 -14.96 12.13 -12.52
C GLU D 238 -13.98 12.01 -11.35
N VAL D 239 -14.46 11.47 -10.23
CA VAL D 239 -13.60 11.26 -9.06
C VAL D 239 -12.58 10.14 -9.35
N VAL D 240 -13.04 9.03 -9.94
CA VAL D 240 -12.14 7.95 -10.37
C VAL D 240 -11.03 8.48 -11.27
N LYS D 241 -11.38 9.30 -12.25
CA LYS D 241 -10.39 9.92 -13.13
C LYS D 241 -9.44 10.81 -12.34
N ALA D 242 -10.00 11.66 -11.49
CA ALA D 242 -9.19 12.55 -10.65
C ALA D 242 -8.22 11.78 -9.73
N LYS D 243 -8.62 10.60 -9.28
CA LYS D 243 -7.75 9.78 -8.42
C LYS D 243 -6.75 8.92 -9.19
N ALA D 244 -6.87 8.90 -10.52
CA ALA D 244 -5.85 8.34 -11.43
C ALA D 244 -5.22 7.01 -10.99
N GLY D 245 -6.07 6.08 -10.58
CA GLY D 245 -5.63 4.74 -10.20
C GLY D 245 -5.75 4.45 -8.71
N ALA D 246 -5.87 5.51 -7.90
CA ALA D 246 -5.93 5.35 -6.45
C ALA D 246 -7.34 5.17 -5.91
N GLY D 247 -8.21 4.53 -6.69
CA GLY D 247 -9.53 4.14 -6.23
C GLY D 247 -10.65 5.06 -6.65
N SER D 248 -11.77 4.97 -5.94
CA SER D 248 -12.93 5.80 -6.23
C SER D 248 -13.22 6.70 -5.03
N ALA D 249 -14.37 7.35 -5.04
CA ALA D 249 -14.78 8.23 -3.95
C ALA D 249 -14.80 7.48 -2.62
N THR D 250 -14.17 8.06 -1.61
CA THR D 250 -14.08 7.43 -0.28
C THR D 250 -14.64 8.36 0.80
N LEU D 251 -14.14 9.59 0.82
CA LEU D 251 -14.46 10.53 1.87
C LEU D 251 -15.88 11.07 1.74
N SER D 252 -16.27 11.45 0.53
CA SER D 252 -17.63 11.91 0.25
C SER D 252 -18.63 10.77 0.39
N MET D 253 -18.20 9.56 0.06
CA MET D 253 -19.03 8.37 0.22
C MET D 253 -19.28 8.05 1.70
N ALA D 254 -18.24 8.21 2.51
CA ALA D 254 -18.36 8.04 3.96
C ALA D 254 -19.35 9.07 4.51
N TYR D 255 -19.22 10.32 4.06
CA TYR D 255 -20.17 11.37 4.45
C TYR D 255 -21.62 10.98 4.13
N ALA D 256 -21.86 10.53 2.90
CA ALA D 256 -23.23 10.20 2.47
C ALA D 256 -23.77 8.94 3.15
N GLY D 257 -22.90 7.95 3.34
CA GLY D 257 -23.24 6.74 4.08
C GLY D 257 -23.62 7.08 5.51
N ALA D 258 -22.85 7.98 6.12
CA ALA D 258 -23.12 8.44 7.49
C ALA D 258 -24.47 9.16 7.55
N ARG D 259 -24.67 10.12 6.66
CA ARG D 259 -25.93 10.86 6.57
C ARG D 259 -27.14 9.93 6.52
N PHE D 260 -27.07 8.90 5.67
CA PHE D 260 -28.20 7.99 5.54
C PHE D 260 -28.42 7.16 6.80
N VAL D 261 -27.33 6.69 7.42
CA VAL D 261 -27.43 5.92 8.66
C VAL D 261 -27.97 6.77 9.82
N PHE D 262 -27.58 8.04 9.88
CA PHE D 262 -28.12 8.96 10.90
C PHE D 262 -29.60 9.23 10.69
N SER D 263 -30.03 9.41 9.44
CA SER D 263 -31.44 9.60 9.12
C SER D 263 -32.28 8.40 9.52
N LEU D 264 -31.78 7.22 9.18
CA LEU D 264 -32.44 5.96 9.49
C LEU D 264 -32.56 5.74 11.01
N VAL D 265 -31.45 5.97 11.74
CA VAL D 265 -31.45 5.79 13.20
C VAL D 265 -32.37 6.81 13.87
N ASP D 266 -32.35 8.07 13.42
CA ASP D 266 -33.28 9.09 13.94
C ASP D 266 -34.74 8.70 13.76
N ALA D 267 -35.07 8.16 12.59
CA ALA D 267 -36.41 7.63 12.33
C ALA D 267 -36.75 6.46 13.25
N MET D 268 -35.76 5.62 13.54
CA MET D 268 -35.94 4.51 14.48
C MET D 268 -36.11 4.99 15.93
N ASN D 269 -35.64 6.20 16.21
CA ASN D 269 -35.85 6.84 17.52
C ASN D 269 -37.22 7.52 17.64
N GLY D 270 -38.00 7.57 16.56
CA GLY D 270 -39.33 8.17 16.55
C GLY D 270 -39.35 9.58 15.99
N LYS D 271 -38.23 10.04 15.42
CA LYS D 271 -38.19 11.34 14.77
C LYS D 271 -39.11 11.33 13.56
N GLU D 272 -39.91 12.39 13.42
CA GLU D 272 -40.99 12.44 12.44
C GLU D 272 -40.57 13.21 11.19
N GLY D 273 -41.14 12.83 10.05
CA GLY D 273 -40.90 13.52 8.79
C GLY D 273 -39.50 13.33 8.22
N VAL D 274 -38.88 12.18 8.50
CA VAL D 274 -37.56 11.87 7.96
C VAL D 274 -37.71 11.25 6.59
N VAL D 275 -37.22 11.96 5.56
CA VAL D 275 -37.31 11.49 4.17
C VAL D 275 -35.92 11.42 3.53
N GLU D 276 -35.62 10.28 2.92
CA GLU D 276 -34.38 10.08 2.16
C GLU D 276 -34.68 9.23 0.92
N CYS D 277 -34.10 9.61 -0.21
CA CYS D 277 -34.15 8.77 -1.42
C CYS D 277 -33.27 7.55 -1.19
N SER D 278 -33.74 6.38 -1.63
CA SER D 278 -32.96 5.15 -1.52
C SER D 278 -33.46 4.07 -2.48
N PHE D 279 -32.52 3.29 -3.01
CA PHE D 279 -32.83 2.23 -3.96
C PHE D 279 -33.38 1.00 -3.21
N VAL D 280 -34.68 0.77 -3.37
CA VAL D 280 -35.38 -0.29 -2.63
C VAL D 280 -36.35 -1.06 -3.53
N LYS D 281 -36.81 -2.21 -3.05
CA LYS D 281 -37.81 -3.00 -3.76
C LYS D 281 -39.14 -2.25 -3.74
N SER D 282 -39.78 -2.16 -4.90
CA SER D 282 -40.87 -1.20 -5.10
C SER D 282 -41.84 -1.64 -6.20
N GLN D 283 -42.93 -0.89 -6.32
CA GLN D 283 -43.88 -1.03 -7.43
C GLN D 283 -44.32 0.34 -7.96
N GLU D 284 -43.39 1.31 -7.92
CA GLU D 284 -43.65 2.67 -8.43
C GLU D 284 -43.53 2.72 -9.95
N THR D 285 -42.61 1.94 -10.50
CA THR D 285 -42.47 1.80 -11.96
C THR D 285 -42.52 0.31 -12.31
N GLU D 286 -42.29 -0.04 -13.57
CA GLU D 286 -42.27 -1.45 -14.00
C GLU D 286 -41.02 -2.20 -13.50
N CYS D 287 -40.02 -1.46 -13.02
CA CYS D 287 -38.90 -2.05 -12.30
C CYS D 287 -39.35 -2.45 -10.90
N THR D 288 -39.05 -3.69 -10.50
CA THR D 288 -39.37 -4.18 -9.16
C THR D 288 -38.44 -3.57 -8.09
N TYR D 289 -37.39 -2.88 -8.54
CA TYR D 289 -36.50 -2.11 -7.66
C TYR D 289 -36.30 -0.72 -8.23
N PHE D 290 -36.34 0.29 -7.38
CA PHE D 290 -36.27 1.68 -7.81
C PHE D 290 -35.95 2.60 -6.63
N SER D 291 -35.28 3.71 -6.90
CA SER D 291 -35.00 4.71 -5.89
C SER D 291 -36.00 5.86 -5.96
N THR D 292 -36.67 6.14 -4.84
CA THR D 292 -37.60 7.27 -4.70
C THR D 292 -37.46 7.85 -3.30
N PRO D 293 -38.02 9.05 -3.06
CA PRO D 293 -38.09 9.55 -1.69
C PRO D 293 -38.89 8.60 -0.81
N LEU D 294 -38.34 8.28 0.37
CA LEU D 294 -38.97 7.35 1.30
C LEU D 294 -39.14 8.00 2.67
N LEU D 295 -40.37 7.98 3.18
CA LEU D 295 -40.62 8.36 4.57
C LEU D 295 -40.17 7.19 5.43
N LEU D 296 -39.22 7.43 6.33
CA LEU D 296 -38.65 6.39 7.16
C LEU D 296 -39.24 6.41 8.56
N GLY D 297 -39.27 5.25 9.22
CA GLY D 297 -39.82 5.13 10.56
C GLY D 297 -39.19 4.01 11.37
N LYS D 298 -39.91 3.56 12.39
CA LYS D 298 -39.41 2.52 13.31
C LYS D 298 -39.19 1.17 12.63
N LYS D 299 -39.96 0.88 11.60
CA LYS D 299 -39.83 -0.41 10.89
C LYS D 299 -39.17 -0.23 9.51
N GLY D 300 -38.32 0.80 9.40
CA GLY D 300 -37.59 1.09 8.17
C GLY D 300 -38.40 2.01 7.27
N ILE D 301 -38.85 1.49 6.14
CA ILE D 301 -39.67 2.26 5.22
C ILE D 301 -41.08 2.39 5.80
N GLU D 302 -41.47 3.62 6.14
CA GLU D 302 -42.82 3.90 6.62
C GLU D 302 -43.77 4.02 5.42
N LYS D 303 -43.36 4.81 4.43
CA LYS D 303 -44.15 4.99 3.22
C LYS D 303 -43.26 5.40 2.04
N ASN D 304 -43.44 4.71 0.91
CA ASN D 304 -42.80 5.12 -0.33
C ASN D 304 -43.56 6.32 -0.91
N LEU D 305 -42.91 7.47 -0.96
CA LEU D 305 -43.55 8.71 -1.43
C LEU D 305 -43.66 8.77 -2.96
N GLY D 306 -43.02 7.85 -3.66
CA GLY D 306 -43.13 7.77 -5.12
C GLY D 306 -42.40 8.88 -5.84
N ILE D 307 -42.68 9.03 -7.13
CA ILE D 307 -41.97 9.97 -7.99
C ILE D 307 -42.53 11.40 -7.89
N GLY D 308 -43.85 11.53 -7.77
CA GLY D 308 -44.50 12.85 -7.79
C GLY D 308 -44.54 13.40 -9.20
N LYS D 309 -44.74 14.71 -9.32
CA LYS D 309 -44.86 15.35 -10.62
C LYS D 309 -43.50 15.73 -11.18
N VAL D 310 -43.25 15.37 -12.44
CA VAL D 310 -41.96 15.64 -13.09
C VAL D 310 -42.13 16.31 -14.45
N SER D 311 -41.05 16.93 -14.93
CA SER D 311 -41.04 17.59 -16.24
C SER D 311 -41.01 16.55 -17.36
N SER D 312 -41.18 17.02 -18.60
CA SER D 312 -41.09 16.15 -19.78
C SER D 312 -39.67 15.61 -19.93
N PHE D 313 -38.69 16.49 -19.75
CA PHE D 313 -37.28 16.12 -19.76
C PHE D 313 -37.03 14.94 -18.80
N GLU D 314 -37.56 15.06 -17.59
CA GLU D 314 -37.38 14.05 -16.55
C GLU D 314 -38.13 12.75 -16.84
N GLU D 315 -39.33 12.85 -17.42
CA GLU D 315 -40.09 11.66 -17.84
C GLU D 315 -39.33 10.84 -18.89
N LYS D 316 -38.71 11.53 -19.84
CA LYS D 316 -37.90 10.88 -20.88
C LYS D 316 -36.75 10.09 -20.24
N MET D 317 -36.05 10.71 -19.30
CA MET D 317 -34.94 10.06 -18.61
C MET D 317 -35.38 8.80 -17.86
N ILE D 318 -36.54 8.86 -17.19
CA ILE D 318 -37.08 7.69 -16.48
C ILE D 318 -37.33 6.55 -17.46
N SER D 319 -37.98 6.86 -18.58
CA SER D 319 -38.28 5.86 -19.61
C SER D 319 -37.02 5.24 -20.18
N ASP D 320 -36.02 6.08 -20.45
CA ASP D 320 -34.74 5.61 -20.98
C ASP D 320 -33.93 4.79 -19.95
N ALA D 321 -34.18 5.04 -18.66
CA ALA D 321 -33.48 4.34 -17.59
C ALA D 321 -33.98 2.92 -17.36
N ILE D 322 -35.27 2.69 -17.60
CA ILE D 322 -35.93 1.43 -17.20
C ILE D 322 -35.30 0.17 -17.77
N PRO D 323 -34.97 0.15 -19.08
CA PRO D 323 -34.32 -1.04 -19.64
C PRO D 323 -33.05 -1.46 -18.89
N GLU D 324 -32.18 -0.49 -18.61
CA GLU D 324 -30.91 -0.75 -17.92
C GLU D 324 -31.14 -1.26 -16.48
N LEU D 325 -32.09 -0.65 -15.77
CA LEU D 325 -32.42 -1.06 -14.40
C LEU D 325 -32.89 -2.52 -14.33
N LYS D 326 -33.82 -2.88 -15.20
CA LYS D 326 -34.37 -4.25 -15.24
C LYS D 326 -33.28 -5.28 -15.53
N ALA D 327 -32.36 -4.95 -16.44
CA ALA D 327 -31.24 -5.84 -16.76
C ALA D 327 -30.30 -6.03 -15.56
N SER D 328 -30.00 -4.95 -14.85
CA SER D 328 -29.18 -5.01 -13.63
C SER D 328 -29.86 -5.82 -12.54
N ILE D 329 -31.17 -5.65 -12.40
CA ILE D 329 -31.95 -6.41 -11.42
C ILE D 329 -31.92 -7.90 -11.72
N LYS D 330 -32.15 -8.26 -12.98
CA LYS D 330 -32.15 -9.65 -13.40
C LYS D 330 -30.77 -10.28 -13.18
N LYS D 331 -29.72 -9.54 -13.56
CA LYS D 331 -28.34 -9.97 -13.36
C LYS D 331 -28.05 -10.28 -11.89
N GLY D 332 -28.48 -9.41 -10.99
CA GLY D 332 -28.32 -9.62 -9.57
C GLY D 332 -29.09 -10.82 -9.06
N GLU D 333 -30.37 -10.90 -9.42
CA GLU D 333 -31.22 -12.01 -8.99
C GLU D 333 -30.74 -13.35 -9.54
N ASP D 334 -30.34 -13.37 -10.81
CA ASP D 334 -29.80 -14.59 -11.44
C ASP D 334 -28.50 -15.06 -10.79
N PHE D 335 -27.71 -14.12 -10.27
CA PHE D 335 -26.46 -14.45 -9.59
C PHE D 335 -26.71 -15.29 -8.34
N VAL D 336 -27.71 -14.92 -7.56
CA VAL D 336 -28.03 -15.63 -6.32
C VAL D 336 -28.60 -17.02 -6.62
N LYS D 337 -29.47 -17.11 -7.61
CA LYS D 337 -30.08 -18.39 -7.98
C LYS D 337 -29.08 -19.46 -8.40
N THR D 338 -27.94 -19.04 -8.97
CA THR D 338 -26.90 -19.98 -9.40
C THR D 338 -26.10 -20.57 -8.24
N LEU D 339 -25.88 -19.80 -7.18
CA LEU D 339 -25.07 -20.23 -6.04
C LEU D 339 -25.58 -21.53 -5.41
#